data_2QZY
#
_entry.id   2QZY
#
_cell.length_a   110.349
_cell.length_b   48.023
_cell.length_c   126.317
_cell.angle_alpha   90.00
_cell.angle_beta   111.39
_cell.angle_gamma   90.00
#
_symmetry.space_group_name_H-M   'P 1 21 1'
#
loop_
_entity.id
_entity.type
_entity.pdbx_description
1 polymer 'Phosphoenolpyruvate carboxykinase [GTP]'
2 branched beta-D-fructofuranose-(2-1)-6-O-octanoyl-alpha-D-glucopyranose
3 non-polymer '4-(2-HYDROXYETHYL)-1-PIPERAZINE ETHANESULFONIC ACID'
4 non-polymer 'MANGANESE (II) ION'
5 non-polymer PHOSPHOENOLPYRUVATE
6 water water
#
_entity_poly.entity_id   1
_entity_poly.type   'polypeptide(L)'
_entity_poly.pdbx_seq_one_letter_code
;LSTSLSALPAAARDFVEEAVRLCRPREVLLCDGSEEEGKELLRGLQDDGVLHPLPKYDNCWLARTDPRDVARVESKTVLV
TPEQSDAVPPPPPSGGPPQLGNWMSPNAFQAAVQERFPGCMAGRPLYVIPFSMGPPTSPLAKLGVQVTDSPYVVLSMRIM
TRVGPAVLQRLDDDFVRCLHSVGRPLPLTEPLVSSWPCDPSRVLVAHIPSERRIVSFGSGYGGNSLLGKKCFALRIASRM
AQQQGWLAEHMLILGVTSPSGEKRYMAAAFPSACGKTNLAMMTPSLPGWRIHCVGDDIAWMKFDDEGRLRAINPERGFFG
VAPGTSSRTNPNAMATIARNTIFTNVGLRSDGGVYWDGLDEPTEPGVTYTSWLGKPWKHGDPEPCAHPNSRFCAPADQCP
IMDPRWDDPEGVPIDAIIFGGRRPRGVPLVVEAFGWRHGVFMGSAMRSEATAAAEHKGGRLMHDPFAMRPFFGYNAGRYL
EHWLSTGLRSNARLPRLFHVNWFLRDNEGRFVWPGFGHNARVLAWIFGRIQGRDTARPTPIGWVPKEGDLDLGGLPGVDY
SQLFPMEKGFWEEECRQLREYYGENFGADLPRDVMAELEGLEERVRKM
;
_entity_poly.pdbx_strand_id   A,B
#
loop_
_chem_comp.id
_chem_comp.type
_chem_comp.name
_chem_comp.formula
EPE non-polymer '4-(2-HYDROXYETHYL)-1-PIPERAZINE ETHANESULFONIC ACID' 'C8 H18 N2 O4 S'
FRU D-saccharide, beta linking beta-D-fructofuranose 'C6 H12 O6'
MN non-polymer 'MANGANESE (II) ION' 'Mn 2'
PEP non-polymer PHOSPHOENOLPYRUVATE 'C3 H5 O6 P'
TQY D-saccharide, alpha linking 6-O-octanoyl-alpha-D-glucopyranose 'C14 H26 O7'
#
# COMPACT_ATOMS: atom_id res chain seq x y z
N LEU A 1 -52.57 -24.19 3.15
CA LEU A 1 -52.46 -25.02 4.40
C LEU A 1 -53.09 -26.36 4.12
N SER A 2 -52.33 -27.43 4.29
CA SER A 2 -52.80 -28.78 4.06
C SER A 2 -52.12 -29.75 5.01
N THR A 3 -52.84 -30.79 5.41
CA THR A 3 -52.28 -31.81 6.29
C THR A 3 -51.48 -32.84 5.50
N SER A 4 -51.54 -32.78 4.16
CA SER A 4 -50.78 -33.71 3.32
C SER A 4 -49.33 -33.26 3.16
N LEU A 5 -48.40 -34.09 3.61
CA LEU A 5 -46.96 -33.77 3.55
C LEU A 5 -46.20 -34.57 2.50
N SER A 6 -46.93 -35.31 1.66
CA SER A 6 -46.31 -36.23 0.71
C SER A 6 -45.44 -35.52 -0.35
N ALA A 7 -45.67 -34.23 -0.54
CA ALA A 7 -44.88 -33.44 -1.47
C ALA A 7 -43.49 -33.07 -0.93
N LEU A 8 -43.27 -33.23 0.38
CA LEU A 8 -41.95 -32.90 0.93
C LEU A 8 -40.92 -33.97 0.57
N PRO A 9 -39.76 -33.56 0.03
CA PRO A 9 -38.76 -34.61 -0.18
C PRO A 9 -38.25 -35.17 1.15
N ALA A 10 -37.55 -36.29 1.10
CA ALA A 10 -37.23 -37.09 2.28
C ALA A 10 -36.53 -36.32 3.42
N ALA A 11 -35.46 -35.58 3.12
CA ALA A 11 -34.71 -34.90 4.20
C ALA A 11 -35.56 -33.83 4.86
N ALA A 12 -36.39 -33.15 4.06
CA ALA A 12 -37.30 -32.12 4.62
C ALA A 12 -38.37 -32.78 5.49
N ARG A 13 -38.90 -33.89 5.02
CA ARG A 13 -39.89 -34.66 5.76
C ARG A 13 -39.32 -35.16 7.11
N ASP A 14 -38.08 -35.64 7.08
CA ASP A 14 -37.37 -36.08 8.29
C ASP A 14 -37.28 -34.97 9.31
N PHE A 15 -36.86 -33.79 8.86
CA PHE A 15 -36.78 -32.62 9.75
C PHE A 15 -38.14 -32.29 10.36
N VAL A 16 -39.19 -32.24 9.54
CA VAL A 16 -40.53 -31.93 10.05
C VAL A 16 -40.95 -32.92 11.13
N GLU A 17 -40.75 -34.22 10.85
CA GLU A 17 -41.20 -35.24 11.79
C GLU A 17 -40.36 -35.23 13.08
N GLU A 18 -39.08 -34.87 12.99
CA GLU A 18 -38.23 -34.67 14.17
C GLU A 18 -38.79 -33.56 15.08
N ALA A 19 -39.14 -32.43 14.47
CA ALA A 19 -39.71 -31.28 15.18
C ALA A 19 -41.07 -31.65 15.78
N VAL A 20 -41.85 -32.43 15.05
CA VAL A 20 -43.17 -32.89 15.55
C VAL A 20 -43.05 -33.74 16.81
N ARG A 21 -42.10 -34.69 16.79
CA ARG A 21 -41.90 -35.58 17.95
CA ARG A 21 -41.86 -35.58 17.95
C ARG A 21 -41.38 -34.79 19.16
N LEU A 22 -40.50 -33.83 18.88
CA LEU A 22 -39.98 -32.95 19.92
C LEU A 22 -41.07 -32.01 20.51
N CYS A 23 -41.72 -31.23 19.65
CA CYS A 23 -42.59 -30.14 20.10
C CYS A 23 -44.02 -30.57 20.45
N ARG A 24 -44.44 -31.74 19.95
CA ARG A 24 -45.80 -32.30 20.18
C ARG A 24 -46.95 -31.36 19.82
N PRO A 25 -47.00 -30.85 18.57
CA PRO A 25 -48.12 -30.01 18.13
C PRO A 25 -49.41 -30.80 17.96
N ARG A 26 -50.53 -30.10 17.97
CA ARG A 26 -51.86 -30.71 17.78
C ARG A 26 -52.11 -31.19 16.34
N GLU A 27 -51.53 -30.50 15.37
CA GLU A 27 -51.67 -30.85 13.95
C GLU A 27 -50.49 -30.29 13.18
N VAL A 28 -50.28 -30.77 11.96
CA VAL A 28 -49.14 -30.35 11.15
C VAL A 28 -49.65 -29.87 9.79
N LEU A 29 -49.32 -28.62 9.46
CA LEU A 29 -49.82 -27.98 8.23
C LEU A 29 -48.70 -27.53 7.31
N LEU A 30 -48.74 -28.03 6.08
CA LEU A 30 -47.83 -27.58 5.02
C LEU A 30 -48.33 -26.29 4.36
N CYS A 31 -47.50 -25.25 4.38
CA CYS A 31 -47.83 -23.97 3.73
C CYS A 31 -47.49 -23.96 2.24
N ASP A 32 -48.38 -23.37 1.45
CA ASP A 32 -48.24 -23.35 -0.01
C ASP A 32 -48.04 -21.96 -0.61
N GLY A 33 -48.09 -20.92 0.23
CA GLY A 33 -47.87 -19.56 -0.22
C GLY A 33 -48.98 -18.91 -1.02
N SER A 34 -50.13 -19.58 -1.11
CA SER A 34 -51.24 -19.14 -1.98
C SER A 34 -52.00 -17.94 -1.40
N GLU A 35 -52.77 -17.26 -2.24
CA GLU A 35 -53.61 -16.17 -1.76
C GLU A 35 -54.67 -16.68 -0.77
N GLU A 36 -55.30 -17.82 -1.08
CA GLU A 36 -56.32 -18.39 -0.19
C GLU A 36 -55.74 -18.75 1.18
N GLU A 37 -54.50 -19.24 1.22
CA GLU A 37 -53.82 -19.52 2.50
C GLU A 37 -53.61 -18.25 3.32
N GLY A 38 -53.15 -17.18 2.68
CA GLY A 38 -53.04 -15.87 3.34
C GLY A 38 -54.34 -15.45 3.97
N LYS A 39 -55.46 -15.59 3.25
CA LYS A 39 -56.77 -15.20 3.79
C LYS A 39 -57.15 -16.05 5.00
N GLU A 40 -56.83 -17.34 4.93
CA GLU A 40 -57.09 -18.25 6.05
C GLU A 40 -56.27 -17.82 7.28
N LEU A 41 -54.98 -17.53 7.05
CA LEU A 41 -54.08 -17.17 8.12
C LEU A 41 -54.56 -15.88 8.77
N LEU A 42 -54.93 -14.89 7.95
CA LEU A 42 -55.47 -13.61 8.46
C LEU A 42 -56.75 -13.81 9.31
N ARG A 43 -57.66 -14.65 8.82
CA ARG A 43 -58.91 -14.93 9.55
C ARG A 43 -58.61 -15.49 10.94
N GLY A 44 -57.74 -16.50 11.00
CA GLY A 44 -57.39 -17.11 12.29
C GLY A 44 -56.72 -16.11 13.21
N LEU A 45 -55.81 -15.31 12.66
CA LEU A 45 -55.11 -14.26 13.42
C LEU A 45 -56.05 -13.19 13.95
N GLN A 46 -57.04 -12.79 13.15
CA GLN A 46 -58.03 -11.83 13.62
C GLN A 46 -58.88 -12.46 14.73
N ASP A 47 -59.25 -13.72 14.55
CA ASP A 47 -60.06 -14.45 15.53
C ASP A 47 -59.33 -14.65 16.88
N ASP A 48 -58.02 -14.85 16.81
CA ASP A 48 -57.14 -15.02 17.97
C ASP A 48 -56.90 -13.69 18.70
N GLY A 49 -57.27 -12.57 18.06
CA GLY A 49 -57.05 -11.26 18.67
C GLY A 49 -55.66 -10.67 18.39
N VAL A 50 -54.84 -11.38 17.62
CA VAL A 50 -53.48 -10.89 17.29
C VAL A 50 -53.49 -9.71 16.31
N LEU A 51 -54.28 -9.83 15.25
CA LEU A 51 -54.36 -8.80 14.23
C LEU A 51 -55.61 -7.94 14.34
N HIS A 52 -55.41 -6.63 14.23
CA HIS A 52 -56.49 -5.66 14.06
C HIS A 52 -56.53 -5.30 12.58
N PRO A 53 -57.73 -5.35 11.96
CA PRO A 53 -57.78 -4.85 10.59
C PRO A 53 -57.52 -3.34 10.57
N LEU A 54 -57.04 -2.81 9.46
CA LEU A 54 -56.86 -1.37 9.31
C LEU A 54 -57.72 -0.92 8.12
N PRO A 55 -59.01 -0.66 8.38
CA PRO A 55 -59.96 -0.44 7.29
C PRO A 55 -59.72 0.84 6.48
N LYS A 56 -58.81 1.70 6.93
CA LYS A 56 -58.43 2.87 6.13
C LYS A 56 -57.71 2.46 4.83
N TYR A 57 -57.07 1.28 4.84
CA TYR A 57 -56.19 0.88 3.75
C TYR A 57 -56.70 -0.38 3.04
N ASP A 58 -55.98 -0.75 1.99
CA ASP A 58 -56.29 -1.95 1.22
C ASP A 58 -55.53 -3.14 1.80
N ASN A 59 -56.23 -3.96 2.59
CA ASN A 59 -55.71 -5.23 3.11
C ASN A 59 -54.47 -5.06 3.99
N CYS A 60 -54.53 -4.10 4.91
CA CYS A 60 -53.43 -3.92 5.85
C CYS A 60 -53.90 -4.32 7.22
N TRP A 61 -52.96 -4.75 8.08
CA TRP A 61 -53.28 -5.33 9.38
C TRP A 61 -52.28 -4.88 10.42
N LEU A 62 -52.71 -4.80 11.68
CA LEU A 62 -51.87 -4.36 12.80
C LEU A 62 -51.76 -5.45 13.88
N ALA A 63 -50.51 -5.81 14.21
CA ALA A 63 -50.21 -6.68 15.34
C ALA A 63 -49.56 -5.87 16.43
N ARG A 64 -49.82 -6.26 17.68
CA ARG A 64 -49.06 -5.70 18.82
C ARG A 64 -48.39 -6.81 19.60
N THR A 65 -47.26 -6.50 20.23
CA THR A 65 -46.53 -7.51 20.96
C THR A 65 -46.52 -7.29 22.47
N ASP A 66 -46.19 -8.34 23.20
CA ASP A 66 -45.88 -8.23 24.62
C ASP A 66 -44.69 -7.26 24.70
N PRO A 67 -44.73 -6.26 25.63
CA PRO A 67 -43.63 -5.30 25.77
C PRO A 67 -42.24 -5.94 26.01
N ARG A 68 -42.23 -7.21 26.42
CA ARG A 68 -40.98 -7.94 26.67
C ARG A 68 -40.41 -8.55 25.39
N ASP A 69 -41.20 -8.52 24.32
CA ASP A 69 -40.81 -9.10 23.05
C ASP A 69 -40.99 -8.08 21.92
N VAL A 70 -40.02 -7.19 21.77
CA VAL A 70 -40.13 -6.06 20.83
C VAL A 70 -38.96 -5.88 19.87
N ALA A 71 -37.92 -6.70 20.01
CA ALA A 71 -36.70 -6.54 19.19
C ALA A 71 -35.85 -7.80 19.24
N ARG A 72 -34.88 -7.90 18.32
CA ARG A 72 -33.79 -8.88 18.44
C ARG A 72 -33.22 -8.80 19.84
N VAL A 73 -32.88 -9.93 20.44
CA VAL A 73 -32.26 -9.93 21.77
C VAL A 73 -30.82 -10.39 21.59
N GLU A 74 -29.89 -9.45 21.46
CA GLU A 74 -28.52 -9.85 21.15
C GLU A 74 -27.88 -10.75 22.20
N SER A 75 -28.17 -10.49 23.48
CA SER A 75 -27.57 -11.25 24.58
C SER A 75 -27.97 -12.73 24.57
N LYS A 76 -29.07 -13.05 23.89
CA LYS A 76 -29.60 -14.41 23.83
C LYS A 76 -29.43 -15.03 22.42
N THR A 77 -28.64 -14.37 21.59
CA THR A 77 -28.37 -14.82 20.23
C THR A 77 -26.96 -15.36 20.22
N VAL A 78 -26.80 -16.60 19.72
CA VAL A 78 -25.56 -17.35 19.88
C VAL A 78 -25.16 -18.16 18.63
N LEU A 79 -23.85 -18.37 18.50
CA LEU A 79 -23.25 -19.22 17.49
C LEU A 79 -22.80 -20.49 18.18
N VAL A 80 -23.18 -21.64 17.63
CA VAL A 80 -22.88 -22.92 18.23
C VAL A 80 -21.90 -23.66 17.35
N THR A 81 -20.68 -23.83 17.86
CA THR A 81 -19.59 -24.47 17.14
C THR A 81 -18.80 -25.26 18.16
N PRO A 82 -18.19 -26.38 17.74
CA PRO A 82 -17.33 -27.17 18.62
C PRO A 82 -16.21 -26.34 19.25
N GLU A 83 -15.59 -25.48 18.46
CA GLU A 83 -14.50 -24.62 18.93
C GLU A 83 -14.94 -23.17 19.04
N GLN A 84 -14.77 -22.55 20.21
CA GLN A 84 -15.19 -21.17 20.39
C GLN A 84 -14.49 -20.23 19.42
N SER A 85 -13.23 -20.48 19.11
CA SER A 85 -12.46 -19.60 18.23
C SER A 85 -12.95 -19.60 16.79
N ASP A 86 -13.69 -20.64 16.37
CA ASP A 86 -14.35 -20.63 15.06
C ASP A 86 -15.47 -19.59 14.98
N ALA A 87 -15.99 -19.19 16.14
CA ALA A 87 -17.14 -18.32 16.22
C ALA A 87 -16.79 -16.88 16.53
N VAL A 88 -15.83 -16.66 17.43
CA VAL A 88 -15.54 -15.31 17.91
C VAL A 88 -14.07 -15.20 18.30
N PRO A 89 -13.53 -13.96 18.29
CA PRO A 89 -12.14 -13.77 18.75
C PRO A 89 -12.03 -13.94 20.28
N PRO A 90 -10.81 -13.80 20.83
CA PRO A 90 -10.69 -13.90 22.29
C PRO A 90 -11.48 -12.80 23.00
N PRO A 91 -12.00 -13.08 24.23
CA PRO A 91 -12.76 -12.07 24.97
C PRO A 91 -11.88 -10.84 25.19
N PRO A 92 -12.47 -9.63 25.16
CA PRO A 92 -11.61 -8.47 25.40
C PRO A 92 -10.72 -8.67 26.65
N PRO A 93 -9.39 -8.61 26.48
CA PRO A 93 -8.46 -8.91 27.60
C PRO A 93 -8.58 -7.99 28.81
N SER A 94 -9.09 -6.78 28.62
CA SER A 94 -9.26 -5.87 29.73
C SER A 94 -10.62 -6.05 30.41
N GLY A 95 -11.42 -6.97 29.89
CA GLY A 95 -12.65 -7.37 30.56
C GLY A 95 -13.93 -6.74 30.06
N GLY A 96 -13.85 -5.95 28.99
CA GLY A 96 -15.02 -5.36 28.36
C GLY A 96 -15.97 -6.40 27.79
N PRO A 97 -17.24 -6.02 27.56
CA PRO A 97 -18.22 -6.99 27.07
C PRO A 97 -17.90 -7.42 25.63
N PRO A 98 -18.08 -8.72 25.32
CA PRO A 98 -17.85 -9.18 23.94
C PRO A 98 -18.85 -8.53 23.01
N GLN A 99 -18.38 -8.06 21.85
CA GLN A 99 -19.27 -7.31 20.99
C GLN A 99 -19.34 -7.81 19.55
N LEU A 100 -18.68 -8.92 19.25
CA LEU A 100 -18.63 -9.48 17.90
C LEU A 100 -19.35 -10.82 17.75
N GLY A 101 -20.15 -11.17 18.76
CA GLY A 101 -20.95 -12.38 18.72
C GLY A 101 -20.84 -13.15 20.01
N ASN A 102 -21.83 -14.01 20.25
CA ASN A 102 -21.84 -14.85 21.45
C ASN A 102 -21.68 -16.30 21.03
N TRP A 103 -20.87 -17.03 21.79
CA TRP A 103 -20.66 -18.44 21.54
C TRP A 103 -21.32 -19.30 22.61
N MET A 104 -21.89 -20.44 22.18
CA MET A 104 -22.40 -21.43 23.09
C MET A 104 -21.89 -22.79 22.62
N SER A 105 -21.37 -23.59 23.53
CA SER A 105 -20.88 -24.93 23.17
C SER A 105 -22.04 -25.84 22.74
N PRO A 106 -21.76 -26.84 21.88
CA PRO A 106 -22.79 -27.82 21.56
C PRO A 106 -23.42 -28.46 22.80
N ASN A 107 -22.60 -28.81 23.81
CA ASN A 107 -23.07 -29.40 25.08
C ASN A 107 -24.13 -28.51 25.71
N ALA A 108 -23.79 -27.23 25.87
CA ALA A 108 -24.66 -26.25 26.51
C ALA A 108 -25.88 -26.01 25.65
N PHE A 109 -25.68 -25.96 24.34
CA PHE A 109 -26.79 -25.73 23.43
C PHE A 109 -27.82 -26.85 23.54
N GLN A 110 -27.37 -28.10 23.44
CA GLN A 110 -28.31 -29.20 23.51
CA GLN A 110 -28.24 -29.28 23.54
C GLN A 110 -29.07 -29.24 24.83
N ALA A 111 -28.40 -29.00 25.95
CA ALA A 111 -29.07 -28.95 27.23
C ALA A 111 -30.12 -27.84 27.25
N ALA A 112 -29.82 -26.70 26.61
CA ALA A 112 -30.77 -25.58 26.55
C ALA A 112 -32.01 -25.93 25.72
N VAL A 113 -31.81 -26.62 24.60
CA VAL A 113 -32.92 -27.11 23.77
C VAL A 113 -33.82 -28.02 24.60
N GLN A 114 -33.20 -28.89 25.40
CA GLN A 114 -33.98 -29.91 26.10
C GLN A 114 -34.82 -29.35 27.24
N GLU A 115 -34.43 -28.18 27.76
CA GLU A 115 -35.23 -27.46 28.77
C GLU A 115 -36.44 -26.75 28.19
N ARG A 116 -36.36 -26.46 26.90
CA ARG A 116 -37.29 -25.51 26.23
C ARG A 116 -38.29 -26.17 25.28
N PHE A 117 -37.79 -26.94 24.31
CA PHE A 117 -38.64 -27.43 23.21
C PHE A 117 -39.56 -28.63 23.49
N PRO A 118 -39.14 -29.59 24.34
CA PRO A 118 -40.08 -30.69 24.56
C PRO A 118 -41.48 -30.23 24.93
N GLY A 119 -42.43 -30.59 24.06
CA GLY A 119 -43.86 -30.31 24.31
C GLY A 119 -44.25 -28.85 24.13
N CYS A 120 -43.37 -28.04 23.52
CA CYS A 120 -43.61 -26.60 23.47
C CYS A 120 -44.78 -26.16 22.60
N MET A 121 -45.22 -27.05 21.72
CA MET A 121 -46.29 -26.75 20.77
C MET A 121 -47.60 -27.46 21.10
N ALA A 122 -47.72 -27.95 22.32
CA ALA A 122 -48.92 -28.66 22.74
C ALA A 122 -50.16 -27.80 22.50
N GLY A 123 -51.17 -28.42 21.88
CA GLY A 123 -52.44 -27.78 21.57
C GLY A 123 -52.38 -26.83 20.38
N ARG A 124 -51.19 -26.66 19.79
CA ARG A 124 -51.00 -25.71 18.68
C ARG A 124 -50.68 -26.41 17.35
N PRO A 125 -51.14 -25.83 16.23
CA PRO A 125 -50.67 -26.33 14.95
C PRO A 125 -49.18 -26.01 14.73
N LEU A 126 -48.46 -26.97 14.16
CA LEU A 126 -47.14 -26.71 13.59
C LEU A 126 -47.27 -26.43 12.11
N TYR A 127 -46.65 -25.34 11.67
CA TYR A 127 -46.67 -24.93 10.27
C TYR A 127 -45.33 -25.19 9.64
N VAL A 128 -45.36 -25.78 8.45
CA VAL A 128 -44.16 -26.10 7.69
C VAL A 128 -44.01 -25.11 6.52
N ILE A 129 -42.91 -24.37 6.51
CA ILE A 129 -42.73 -23.33 5.51
C ILE A 129 -41.51 -23.66 4.67
N PRO A 130 -41.73 -24.22 3.46
CA PRO A 130 -40.59 -24.42 2.55
C PRO A 130 -40.31 -23.07 1.89
N PHE A 131 -39.07 -22.60 1.96
CA PHE A 131 -38.78 -21.26 1.43
C PHE A 131 -37.44 -21.14 0.71
N SER A 132 -37.38 -20.21 -0.23
CA SER A 132 -36.15 -19.86 -0.93
C SER A 132 -35.70 -18.44 -0.59
N MET A 133 -34.40 -18.32 -0.31
CA MET A 133 -33.71 -17.07 -0.15
C MET A 133 -33.15 -16.74 -1.52
N GLY A 134 -33.82 -15.83 -2.23
CA GLY A 134 -33.48 -15.49 -3.60
C GLY A 134 -34.46 -16.12 -4.59
N PRO A 135 -34.41 -15.68 -5.86
CA PRO A 135 -35.27 -16.31 -6.87
C PRO A 135 -34.88 -17.79 -6.91
N PRO A 136 -35.86 -18.71 -6.74
CA PRO A 136 -35.60 -20.15 -6.61
C PRO A 136 -34.68 -20.76 -7.67
N THR A 137 -34.64 -20.17 -8.87
CA THR A 137 -33.79 -20.69 -9.95
C THR A 137 -32.43 -20.01 -10.04
N SER A 138 -32.14 -19.11 -9.12
CA SER A 138 -30.83 -18.43 -9.15
C SER A 138 -29.74 -19.37 -8.68
N PRO A 139 -28.55 -19.33 -9.31
CA PRO A 139 -27.45 -20.14 -8.80
C PRO A 139 -27.01 -19.67 -7.41
N LEU A 140 -27.40 -18.45 -7.03
CA LEU A 140 -27.04 -17.86 -5.74
C LEU A 140 -28.11 -18.14 -4.69
N ALA A 141 -29.24 -18.72 -5.08
CA ALA A 141 -30.34 -18.95 -4.14
C ALA A 141 -30.01 -20.09 -3.19
N LYS A 142 -30.58 -20.03 -1.99
CA LYS A 142 -30.43 -21.10 -1.01
C LYS A 142 -31.79 -21.38 -0.40
N LEU A 143 -32.07 -22.64 -0.15
CA LEU A 143 -33.39 -23.06 0.38
C LEU A 143 -33.37 -23.31 1.89
N GLY A 144 -34.53 -23.16 2.50
CA GLY A 144 -34.72 -23.57 3.88
C GLY A 144 -36.09 -24.19 4.07
N VAL A 145 -36.27 -24.83 5.22
CA VAL A 145 -37.60 -25.19 5.70
C VAL A 145 -37.70 -24.66 7.11
N GLN A 146 -38.67 -23.78 7.35
CA GLN A 146 -38.91 -23.30 8.69
C GLN A 146 -40.17 -23.94 9.24
N VAL A 147 -40.07 -24.50 10.44
CA VAL A 147 -41.25 -24.90 11.17
C VAL A 147 -41.48 -23.89 12.29
N THR A 148 -42.75 -23.63 12.56
CA THR A 148 -43.12 -22.63 13.55
C THR A 148 -44.52 -22.92 14.05
N ASP A 149 -44.84 -22.39 15.24
CA ASP A 149 -46.19 -22.46 15.78
C ASP A 149 -46.86 -21.08 15.83
N SER A 150 -46.29 -20.13 15.07
CA SER A 150 -46.83 -18.77 14.96
C SER A 150 -47.39 -18.49 13.55
N PRO A 151 -48.74 -18.40 13.43
CA PRO A 151 -49.33 -17.94 12.17
C PRO A 151 -48.81 -16.55 11.74
N TYR A 152 -48.50 -15.67 12.71
CA TYR A 152 -47.89 -14.36 12.41
C TYR A 152 -46.56 -14.53 11.65
N VAL A 153 -45.75 -15.49 12.12
CA VAL A 153 -44.47 -15.79 11.47
C VAL A 153 -44.73 -16.33 10.07
N VAL A 154 -45.73 -17.18 9.92
CA VAL A 154 -46.03 -17.75 8.59
C VAL A 154 -46.39 -16.63 7.60
N LEU A 155 -47.29 -15.74 8.02
CA LEU A 155 -47.75 -14.66 7.17
C LEU A 155 -46.58 -13.78 6.76
N SER A 156 -45.67 -13.51 7.70
CA SER A 156 -44.57 -12.62 7.42
C SER A 156 -43.49 -13.28 6.57
N MET A 157 -43.25 -14.57 6.79
CA MET A 157 -42.30 -15.32 5.94
C MET A 157 -42.75 -15.39 4.46
N ARG A 158 -44.06 -15.53 4.26
CA ARG A 158 -44.66 -15.48 2.93
C ARG A 158 -44.32 -14.18 2.18
N ILE A 159 -44.35 -13.05 2.91
CA ILE A 159 -43.99 -11.75 2.37
C ILE A 159 -42.48 -11.61 2.15
N MET A 160 -41.69 -12.06 3.13
CA MET A 160 -40.24 -11.82 3.16
C MET A 160 -39.40 -12.80 2.32
N THR A 161 -39.99 -13.93 1.95
CA THR A 161 -39.30 -14.98 1.19
C THR A 161 -40.21 -15.53 0.10
N ARG A 162 -39.68 -16.43 -0.73
CA ARG A 162 -40.51 -17.16 -1.70
C ARG A 162 -40.94 -18.46 -1.04
N VAL A 163 -42.24 -18.67 -0.91
CA VAL A 163 -42.77 -19.85 -0.24
C VAL A 163 -43.65 -20.67 -1.18
N GLY A 164 -43.47 -21.99 -1.15
CA GLY A 164 -44.49 -22.89 -1.68
C GLY A 164 -43.97 -23.97 -2.60
N PRO A 165 -44.87 -24.55 -3.41
CA PRO A 165 -44.65 -25.50 -4.52
C PRO A 165 -43.35 -25.33 -5.34
N ALA A 166 -43.11 -24.15 -5.90
CA ALA A 166 -41.90 -23.89 -6.71
C ALA A 166 -40.59 -24.14 -5.94
N VAL A 167 -40.64 -23.91 -4.62
CA VAL A 167 -39.55 -24.24 -3.72
C VAL A 167 -39.45 -25.77 -3.51
N LEU A 168 -40.58 -26.41 -3.23
CA LEU A 168 -40.66 -27.87 -3.05
C LEU A 168 -40.04 -28.64 -4.22
N GLN A 169 -40.27 -28.16 -5.43
CA GLN A 169 -39.76 -28.79 -6.63
C GLN A 169 -38.23 -28.77 -6.68
N ARG A 170 -37.63 -27.88 -5.91
CA ARG A 170 -36.17 -27.74 -5.95
C ARG A 170 -35.49 -28.33 -4.71
N LEU A 171 -36.30 -28.66 -3.71
CA LEU A 171 -35.81 -29.06 -2.40
C LEU A 171 -35.18 -30.44 -2.39
N ASP A 172 -33.94 -30.51 -1.91
CA ASP A 172 -33.23 -31.79 -1.69
C ASP A 172 -32.57 -31.85 -0.30
N ASP A 173 -31.47 -32.58 -0.14
CA ASP A 173 -30.79 -32.67 1.17
C ASP A 173 -30.20 -31.31 1.60
N ASP A 174 -29.86 -30.48 0.63
CA ASP A 174 -29.19 -29.20 0.89
C ASP A 174 -30.21 -28.08 1.15
N PHE A 175 -30.56 -27.92 2.42
CA PHE A 175 -31.39 -26.82 2.89
C PHE A 175 -31.07 -26.53 4.34
N VAL A 176 -31.39 -25.33 4.79
CA VAL A 176 -31.20 -24.97 6.21
C VAL A 176 -32.47 -25.36 6.99
N ARG A 177 -32.29 -26.15 8.06
CA ARG A 177 -33.36 -26.53 8.97
C ARG A 177 -33.57 -25.38 9.95
N CYS A 178 -34.79 -24.84 9.98
CA CYS A 178 -35.11 -23.67 10.80
C CYS A 178 -36.23 -24.04 11.75
N LEU A 179 -35.90 -24.17 13.02
CA LEU A 179 -36.83 -24.64 14.04
C LEU A 179 -37.22 -23.42 14.89
N HIS A 180 -38.50 -23.13 14.94
CA HIS A 180 -38.98 -21.99 15.74
C HIS A 180 -40.19 -22.33 16.63
N SER A 181 -40.18 -21.82 17.86
CA SER A 181 -41.40 -21.85 18.69
C SER A 181 -41.50 -20.61 19.54
N VAL A 182 -42.71 -20.09 19.68
CA VAL A 182 -42.95 -18.99 20.62
C VAL A 182 -42.80 -19.42 22.10
N GLY A 183 -42.78 -20.72 22.37
CA GLY A 183 -42.55 -21.24 23.73
C GLY A 183 -43.71 -21.01 24.69
N ARG A 184 -44.95 -21.15 24.21
CA ARG A 184 -46.11 -20.97 25.07
C ARG A 184 -47.09 -22.13 24.80
N PRO A 185 -46.79 -23.34 25.30
CA PRO A 185 -47.71 -24.45 25.05
C PRO A 185 -49.05 -24.26 25.75
N LEU A 186 -50.10 -24.84 25.17
CA LEU A 186 -51.43 -24.78 25.75
C LEU A 186 -51.61 -25.99 26.66
N PRO A 187 -52.44 -25.86 27.72
CA PRO A 187 -53.21 -24.67 28.04
C PRO A 187 -52.33 -23.59 28.67
N LEU A 188 -52.70 -22.33 28.47
CA LEU A 188 -52.02 -21.23 29.10
C LEU A 188 -52.38 -21.22 30.58
N THR A 189 -51.45 -20.77 31.42
CA THR A 189 -51.68 -20.72 32.86
C THR A 189 -51.87 -19.28 33.32
N GLU A 190 -51.83 -18.35 32.37
CA GLU A 190 -52.06 -16.92 32.64
C GLU A 190 -52.40 -16.18 31.35
N PRO A 191 -53.08 -15.01 31.46
CA PRO A 191 -53.41 -14.22 30.27
C PRO A 191 -52.21 -13.70 29.50
N LEU A 192 -52.33 -13.70 28.17
CA LEU A 192 -51.36 -13.05 27.30
C LEU A 192 -51.45 -11.54 27.38
N VAL A 193 -50.38 -10.86 26.98
CA VAL A 193 -50.43 -9.42 26.74
C VAL A 193 -50.60 -9.22 25.24
N SER A 194 -51.61 -8.45 24.85
CA SER A 194 -51.87 -8.15 23.43
C SER A 194 -51.96 -9.41 22.56
N SER A 195 -52.51 -10.48 23.13
CA SER A 195 -52.69 -11.78 22.45
C SER A 195 -51.40 -12.38 21.88
N TRP A 196 -50.26 -12.04 22.48
CA TRP A 196 -48.96 -12.32 21.91
C TRP A 196 -48.15 -13.32 22.74
N PRO A 197 -48.12 -14.60 22.33
CA PRO A 197 -47.39 -15.59 23.10
C PRO A 197 -45.88 -15.45 22.95
N CYS A 198 -45.17 -15.58 24.07
CA CYS A 198 -43.71 -15.51 24.07
C CYS A 198 -43.21 -16.09 25.39
N ASP A 199 -41.91 -16.30 25.49
CA ASP A 199 -41.33 -16.80 26.74
C ASP A 199 -40.03 -16.02 26.92
N PRO A 200 -40.15 -14.72 27.26
CA PRO A 200 -39.02 -13.80 27.23
C PRO A 200 -37.83 -14.20 28.10
N SER A 201 -38.10 -14.80 29.26
CA SER A 201 -37.00 -15.18 30.16
C SER A 201 -36.13 -16.31 29.61
N ARG A 202 -36.64 -17.01 28.60
CA ARG A 202 -35.94 -18.20 28.07
C ARG A 202 -35.59 -18.07 26.57
N VAL A 203 -35.66 -16.87 26.03
CA VAL A 203 -35.38 -16.65 24.62
C VAL A 203 -33.99 -17.19 24.24
N LEU A 204 -33.92 -17.87 23.11
CA LEU A 204 -32.66 -18.42 22.58
C LEU A 204 -32.75 -18.42 21.07
N VAL A 205 -31.77 -17.79 20.42
CA VAL A 205 -31.72 -17.71 18.97
C VAL A 205 -30.35 -18.26 18.54
N ALA A 206 -30.34 -19.52 18.12
CA ALA A 206 -29.09 -20.27 17.97
C ALA A 206 -28.76 -20.63 16.54
N HIS A 207 -27.47 -20.59 16.21
CA HIS A 207 -27.00 -20.82 14.86
C HIS A 207 -25.96 -21.92 14.88
N ILE A 208 -26.25 -23.04 14.19
CA ILE A 208 -25.40 -24.22 14.22
C ILE A 208 -24.98 -24.57 12.78
N PRO A 209 -23.99 -23.82 12.23
CA PRO A 209 -23.63 -23.96 10.82
C PRO A 209 -23.20 -25.37 10.41
N SER A 210 -22.47 -26.07 11.28
CA SER A 210 -22.01 -27.44 10.96
C SER A 210 -23.19 -28.38 10.76
N GLU A 211 -24.35 -27.98 11.27
CA GLU A 211 -25.58 -28.78 11.12
C GLU A 211 -26.61 -28.17 10.15
N ARG A 212 -26.22 -27.13 9.42
CA ARG A 212 -27.15 -26.37 8.57
C ARG A 212 -28.45 -26.07 9.34
N ARG A 213 -28.33 -25.52 10.56
CA ARG A 213 -29.49 -25.41 11.43
C ARG A 213 -29.56 -24.06 12.18
N ILE A 214 -30.78 -23.58 12.32
CA ILE A 214 -31.12 -22.44 13.14
C ILE A 214 -32.24 -22.89 14.07
N VAL A 215 -32.09 -22.58 15.36
CA VAL A 215 -33.08 -22.95 16.38
C VAL A 215 -33.40 -21.69 17.18
N SER A 216 -34.69 -21.33 17.22
CA SER A 216 -35.08 -20.08 17.87
C SER A 216 -36.29 -20.34 18.76
N PHE A 217 -36.17 -19.94 20.03
CA PHE A 217 -37.19 -20.20 21.02
C PHE A 217 -37.59 -18.94 21.78
N GLY A 218 -38.90 -18.77 21.98
CA GLY A 218 -39.43 -17.82 22.98
C GLY A 218 -39.79 -16.42 22.54
N SER A 219 -39.45 -16.07 21.30
CA SER A 219 -39.82 -14.77 20.74
C SER A 219 -40.62 -14.96 19.45
N GLY A 220 -41.64 -14.11 19.25
CA GLY A 220 -42.36 -14.09 17.97
C GLY A 220 -41.89 -12.95 17.07
N TYR A 221 -40.91 -12.18 17.53
CA TYR A 221 -40.58 -10.91 16.87
CA TYR A 221 -40.56 -10.90 16.88
C TYR A 221 -39.56 -11.04 15.74
N GLY A 222 -39.87 -10.38 14.63
CA GLY A 222 -38.99 -10.19 13.49
C GLY A 222 -37.66 -10.90 13.44
N GLY A 223 -36.60 -10.23 13.87
CA GLY A 223 -35.25 -10.76 13.75
C GLY A 223 -35.02 -12.09 14.45
N ASN A 224 -35.81 -12.36 15.50
CA ASN A 224 -35.72 -13.62 16.20
C ASN A 224 -36.51 -14.73 15.55
N SER A 225 -37.58 -14.38 14.84
CA SER A 225 -38.57 -15.37 14.46
C SER A 225 -38.70 -15.60 12.97
N LEU A 226 -38.32 -14.60 12.18
CA LEU A 226 -38.39 -14.72 10.75
C LEU A 226 -36.99 -15.19 10.41
N LEU A 227 -36.82 -16.51 10.37
CA LEU A 227 -35.46 -17.09 10.39
C LEU A 227 -34.67 -16.83 9.11
N GLY A 228 -35.36 -16.53 8.01
CA GLY A 228 -34.70 -16.08 6.79
C GLY A 228 -33.97 -14.74 6.92
N LYS A 229 -34.51 -13.82 7.72
CA LYS A 229 -34.15 -12.38 7.73
C LYS A 229 -32.71 -12.04 8.14
N LYS A 230 -32.26 -12.57 9.27
CA LYS A 230 -30.91 -12.31 9.79
C LYS A 230 -30.22 -13.60 10.09
N CYS A 231 -30.94 -14.52 10.74
CA CYS A 231 -30.37 -15.79 11.14
C CYS A 231 -29.79 -16.54 9.93
N PHE A 232 -30.60 -16.69 8.88
CA PHE A 232 -30.16 -17.38 7.64
C PHE A 232 -29.35 -16.40 6.77
N ALA A 233 -29.94 -15.25 6.46
CA ALA A 233 -29.40 -14.41 5.37
C ALA A 233 -28.06 -13.81 5.68
N LEU A 234 -27.75 -13.64 6.98
CA LEU A 234 -26.44 -13.15 7.38
C LEU A 234 -25.62 -14.16 8.19
N ARG A 235 -26.18 -14.73 9.25
CA ARG A 235 -25.31 -15.54 10.15
C ARG A 235 -24.91 -16.87 9.54
N ILE A 236 -25.89 -17.69 9.20
CA ILE A 236 -25.62 -18.96 8.50
C ILE A 236 -24.98 -18.69 7.15
N ALA A 237 -25.53 -17.72 6.40
CA ALA A 237 -24.99 -17.45 5.04
C ALA A 237 -23.57 -16.94 5.01
N SER A 238 -23.17 -16.13 5.99
CA SER A 238 -21.80 -15.59 5.97
C SER A 238 -20.79 -16.74 6.08
N ARG A 239 -21.09 -17.73 6.92
CA ARG A 239 -20.23 -18.89 7.09
CA ARG A 239 -20.22 -18.89 7.08
C ARG A 239 -20.22 -19.74 5.81
N MET A 240 -21.39 -19.96 5.21
CA MET A 240 -21.47 -20.68 3.92
C MET A 240 -20.59 -19.95 2.91
N ALA A 241 -20.76 -18.63 2.85
CA ALA A 241 -20.02 -17.78 1.90
C ALA A 241 -18.52 -17.90 2.08
N GLN A 242 -18.05 -17.93 3.33
CA GLN A 242 -16.61 -18.01 3.60
C GLN A 242 -16.07 -19.34 3.07
N GLN A 243 -16.88 -20.39 3.22
CA GLN A 243 -16.48 -21.74 2.82
C GLN A 243 -16.61 -21.98 1.31
N GLN A 244 -17.52 -21.26 0.68
CA GLN A 244 -17.89 -21.52 -0.73
C GLN A 244 -17.45 -20.44 -1.72
N GLY A 245 -16.75 -19.42 -1.22
CA GLY A 245 -16.21 -18.39 -2.10
C GLY A 245 -17.19 -17.33 -2.55
N TRP A 246 -18.08 -16.90 -1.67
CA TRP A 246 -18.92 -15.74 -1.96
C TRP A 246 -19.03 -14.82 -0.73
N LEU A 247 -19.99 -13.89 -0.77
CA LEU A 247 -20.14 -12.89 0.29
C LEU A 247 -21.62 -12.74 0.67
N ALA A 248 -21.91 -12.74 1.96
CA ALA A 248 -23.28 -12.52 2.41
C ALA A 248 -23.24 -11.32 3.34
N GLU A 249 -23.89 -10.25 2.92
CA GLU A 249 -23.60 -8.94 3.52
C GLU A 249 -24.85 -8.16 3.92
N HIS A 250 -24.66 -7.26 4.88
CA HIS A 250 -25.72 -6.41 5.35
C HIS A 250 -25.65 -5.12 4.52
N MET A 251 -26.09 -5.24 3.27
CA MET A 251 -26.01 -4.16 2.30
C MET A 251 -27.28 -4.00 1.48
N LEU A 252 -27.65 -2.74 1.26
CA LEU A 252 -28.65 -2.40 0.26
C LEU A 252 -28.00 -2.59 -1.11
N ILE A 253 -28.83 -2.73 -2.14
CA ILE A 253 -28.33 -2.76 -3.52
C ILE A 253 -29.21 -1.82 -4.33
N LEU A 254 -28.60 -0.94 -5.11
CA LEU A 254 -29.38 -0.01 -5.91
C LEU A 254 -28.78 0.11 -7.30
N GLY A 255 -29.63 0.47 -8.28
CA GLY A 255 -29.16 0.78 -9.63
C GLY A 255 -29.15 2.28 -9.85
N VAL A 256 -28.09 2.78 -10.48
CA VAL A 256 -27.96 4.20 -10.80
C VAL A 256 -27.82 4.33 -12.33
N THR A 257 -28.72 5.10 -12.94
CA THR A 257 -28.66 5.37 -14.37
C THR A 257 -28.33 6.85 -14.63
N SER A 258 -27.31 7.06 -15.45
CA SER A 258 -26.93 8.41 -15.84
CA SER A 258 -26.90 8.40 -15.86
C SER A 258 -27.89 8.96 -16.88
N PRO A 259 -27.99 10.31 -17.00
CA PRO A 259 -28.79 10.92 -18.07
C PRO A 259 -28.44 10.41 -19.48
N SER A 260 -27.21 9.96 -19.67
CA SER A 260 -26.73 9.51 -20.97
C SER A 260 -27.00 8.01 -21.23
N GLY A 261 -27.64 7.36 -20.28
CA GLY A 261 -28.14 6.01 -20.49
C GLY A 261 -27.33 4.83 -19.95
N GLU A 262 -26.21 5.09 -19.29
CA GLU A 262 -25.42 4.01 -18.70
CA GLU A 262 -25.42 4.00 -18.69
C GLU A 262 -25.92 3.68 -17.29
N LYS A 263 -25.96 2.39 -16.96
CA LYS A 263 -26.42 1.95 -15.66
C LYS A 263 -25.32 1.21 -14.89
N ARG A 264 -25.17 1.58 -13.62
CA ARG A 264 -24.25 0.92 -12.70
C ARG A 264 -24.98 0.56 -11.41
N TYR A 265 -24.65 -0.60 -10.84
CA TYR A 265 -25.22 -1.02 -9.54
C TYR A 265 -24.18 -0.84 -8.45
N MET A 266 -24.68 -0.54 -7.26
CA MET A 266 -23.85 -0.25 -6.10
C MET A 266 -24.49 -0.91 -4.88
N ALA A 267 -23.64 -1.38 -3.96
CA ALA A 267 -24.12 -1.93 -2.70
C ALA A 267 -23.63 -1.02 -1.57
N ALA A 268 -24.38 -0.95 -0.47
CA ALA A 268 -23.97 -0.08 0.62
C ALA A 268 -24.30 -0.66 1.98
N ALA A 269 -23.32 -0.64 2.87
CA ALA A 269 -23.52 -1.10 4.25
C ALA A 269 -23.65 0.09 5.17
N PHE A 270 -24.82 0.23 5.80
CA PHE A 270 -25.05 1.32 6.75
C PHE A 270 -25.38 0.77 8.14
N PRO A 271 -24.78 1.34 9.19
CA PRO A 271 -25.27 0.96 10.50
C PRO A 271 -26.64 1.59 10.74
N SER A 272 -27.28 1.27 11.86
CA SER A 272 -28.65 1.72 12.10
C SER A 272 -28.73 3.25 12.19
N ALA A 273 -29.86 3.81 11.74
CA ALA A 273 -30.15 5.24 11.85
C ALA A 273 -29.26 6.13 10.96
N CYS A 274 -28.84 5.60 9.81
CA CYS A 274 -28.07 6.36 8.82
C CYS A 274 -28.86 6.60 7.53
N GLY A 275 -30.15 6.29 7.54
CA GLY A 275 -31.00 6.45 6.36
C GLY A 275 -30.79 5.40 5.28
N LYS A 276 -30.55 4.16 5.70
CA LYS A 276 -30.36 3.05 4.77
C LYS A 276 -31.53 2.91 3.76
N THR A 277 -32.76 2.84 4.26
CA THR A 277 -33.93 2.65 3.39
C THR A 277 -34.23 3.90 2.56
N ASN A 278 -33.92 5.07 3.12
CA ASN A 278 -34.07 6.33 2.41
C ASN A 278 -33.14 6.39 1.20
N LEU A 279 -31.95 5.81 1.31
CA LEU A 279 -31.01 5.75 0.18
C LEU A 279 -31.44 4.73 -0.86
N ALA A 280 -31.85 3.54 -0.42
CA ALA A 280 -32.21 2.45 -1.33
C ALA A 280 -33.48 2.76 -2.16
N MET A 281 -34.40 3.55 -1.61
CA MET A 281 -35.54 3.97 -2.41
C MET A 281 -35.66 5.47 -2.62
N MET A 282 -34.50 6.11 -2.79
CA MET A 282 -34.46 7.57 -2.89
C MET A 282 -35.06 8.02 -4.22
N THR A 283 -35.69 9.19 -4.17
CA THR A 283 -36.09 9.91 -5.36
C THR A 283 -35.00 10.96 -5.56
N PRO A 284 -34.20 10.84 -6.64
CA PRO A 284 -33.01 11.70 -6.80
C PRO A 284 -33.36 13.16 -7.14
N SER A 285 -32.48 14.08 -6.75
CA SER A 285 -32.67 15.50 -6.98
C SER A 285 -31.66 16.06 -7.99
N LEU A 286 -31.09 15.18 -8.81
CA LEU A 286 -30.28 15.56 -9.96
C LEU A 286 -31.04 15.21 -11.23
N PRO A 287 -31.44 16.22 -12.02
CA PRO A 287 -32.21 15.94 -13.24
C PRO A 287 -31.52 14.92 -14.13
N GLY A 288 -32.29 13.97 -14.66
CA GLY A 288 -31.78 13.00 -15.63
C GLY A 288 -31.32 11.69 -15.06
N TRP A 289 -30.97 11.69 -13.79
CA TRP A 289 -30.49 10.50 -13.07
C TRP A 289 -31.65 9.66 -12.55
N ARG A 290 -31.51 8.34 -12.66
CA ARG A 290 -32.55 7.46 -12.12
C ARG A 290 -31.97 6.54 -11.07
N ILE A 291 -32.78 6.26 -10.06
CA ILE A 291 -32.42 5.30 -9.01
C ILE A 291 -33.48 4.23 -8.95
N HIS A 292 -33.02 2.98 -8.95
CA HIS A 292 -33.88 1.82 -8.79
C HIS A 292 -33.43 1.05 -7.57
N CYS A 293 -34.39 0.44 -6.86
CA CYS A 293 -34.12 -0.38 -5.70
C CYS A 293 -34.00 -1.85 -6.09
N VAL A 294 -32.90 -2.49 -5.70
CA VAL A 294 -32.77 -3.95 -5.79
C VAL A 294 -33.08 -4.60 -4.44
N GLY A 295 -32.48 -4.08 -3.37
CA GLY A 295 -32.85 -4.48 -2.02
C GLY A 295 -32.43 -3.42 -1.04
N ASP A 296 -32.98 -3.44 0.16
CA ASP A 296 -32.60 -2.44 1.15
C ASP A 296 -32.00 -3.03 2.44
N ASP A 297 -31.55 -4.30 2.41
CA ASP A 297 -31.01 -4.89 3.67
C ASP A 297 -29.91 -5.93 3.50
N ILE A 298 -30.16 -6.94 2.67
CA ILE A 298 -29.26 -8.08 2.52
C ILE A 298 -28.80 -8.19 1.08
N ALA A 299 -27.50 -8.46 0.90
CA ALA A 299 -26.91 -8.68 -0.41
C ALA A 299 -26.08 -9.97 -0.36
N TRP A 300 -26.31 -10.86 -1.31
CA TRP A 300 -25.52 -12.08 -1.50
C TRP A 300 -24.77 -11.89 -2.80
N MET A 301 -23.45 -11.99 -2.76
CA MET A 301 -22.61 -11.62 -3.92
C MET A 301 -21.56 -12.68 -4.26
N LYS A 302 -21.40 -12.96 -5.54
CA LYS A 302 -20.44 -13.96 -6.01
C LYS A 302 -19.85 -13.52 -7.34
N PHE A 303 -18.54 -13.66 -7.51
CA PHE A 303 -17.92 -13.36 -8.81
C PHE A 303 -18.42 -14.33 -9.88
N ASP A 304 -18.76 -13.79 -11.05
CA ASP A 304 -19.18 -14.64 -12.16
C ASP A 304 -17.97 -15.07 -12.99
N ASP A 305 -18.17 -15.77 -14.11
CA ASP A 305 -17.05 -16.27 -14.90
C ASP A 305 -16.20 -15.18 -15.52
N GLU A 306 -16.78 -13.98 -15.67
CA GLU A 306 -16.08 -12.84 -16.24
C GLU A 306 -15.39 -11.99 -15.18
N GLY A 307 -15.54 -12.35 -13.91
CA GLY A 307 -14.89 -11.59 -12.83
C GLY A 307 -15.73 -10.44 -12.28
N ARG A 308 -16.96 -10.34 -12.76
CA ARG A 308 -17.90 -9.35 -12.25
C ARG A 308 -18.52 -9.84 -10.95
N LEU A 309 -18.57 -8.97 -9.96
CA LEU A 309 -19.26 -9.28 -8.71
C LEU A 309 -20.79 -9.18 -8.89
N ARG A 310 -21.48 -10.32 -8.85
CA ARG A 310 -22.93 -10.33 -9.07
C ARG A 310 -23.64 -10.40 -7.73
N ALA A 311 -24.64 -9.55 -7.53
CA ALA A 311 -25.40 -9.56 -6.27
C ALA A 311 -26.84 -9.93 -6.53
N ILE A 312 -27.40 -10.74 -5.63
CA ILE A 312 -28.87 -10.83 -5.52
C ILE A 312 -29.35 -10.32 -4.16
N ASN A 313 -30.61 -9.87 -4.15
CA ASN A 313 -31.34 -9.65 -2.93
C ASN A 313 -32.06 -10.97 -2.61
N PRO A 314 -31.66 -11.65 -1.52
CA PRO A 314 -32.23 -12.95 -1.18
C PRO A 314 -33.60 -12.85 -0.49
N GLU A 315 -34.17 -11.64 -0.39
CA GLU A 315 -35.47 -11.45 0.25
C GLU A 315 -36.52 -11.03 -0.76
N ARG A 316 -37.81 -11.10 -0.38
CA ARG A 316 -38.93 -10.85 -1.30
C ARG A 316 -39.78 -9.69 -0.79
N GLY A 317 -39.42 -9.16 0.38
CA GLY A 317 -40.20 -8.09 1.01
C GLY A 317 -39.32 -7.20 1.85
N PHE A 318 -39.92 -6.16 2.44
CA PHE A 318 -39.21 -5.23 3.31
C PHE A 318 -39.77 -5.35 4.70
N PHE A 319 -38.88 -5.47 5.67
CA PHE A 319 -39.25 -5.49 7.09
C PHE A 319 -38.61 -4.25 7.73
N GLY A 320 -39.29 -3.12 7.60
CA GLY A 320 -38.64 -1.84 7.86
C GLY A 320 -39.13 -1.14 9.10
N VAL A 321 -38.24 -0.39 9.74
CA VAL A 321 -38.62 0.42 10.90
C VAL A 321 -39.60 1.49 10.43
N ALA A 322 -40.76 1.55 11.08
CA ALA A 322 -41.81 2.49 10.68
C ALA A 322 -41.58 3.95 11.12
N PRO A 323 -41.28 4.21 12.43
CA PRO A 323 -41.16 5.62 12.86
C PRO A 323 -40.20 6.41 11.97
N GLY A 324 -40.57 7.63 11.63
CA GLY A 324 -39.78 8.45 10.72
C GLY A 324 -40.24 8.38 9.28
N THR A 325 -40.96 7.32 8.92
CA THR A 325 -41.41 7.15 7.53
C THR A 325 -42.52 8.16 7.20
N SER A 326 -42.30 8.92 6.14
CA SER A 326 -43.29 9.90 5.70
C SER A 326 -43.22 10.12 4.20
N SER A 327 -44.25 10.77 3.65
CA SER A 327 -44.23 11.17 2.25
C SER A 327 -43.13 12.19 1.97
N ARG A 328 -42.82 13.02 2.97
CA ARG A 328 -41.75 14.01 2.84
C ARG A 328 -40.37 13.34 2.72
N THR A 329 -40.14 12.30 3.51
CA THR A 329 -38.82 11.64 3.60
C THR A 329 -38.68 10.46 2.65
N ASN A 330 -39.76 9.71 2.46
CA ASN A 330 -39.67 8.52 1.61
C ASN A 330 -41.00 8.17 0.95
N PRO A 331 -41.37 8.90 -0.13
CA PRO A 331 -42.62 8.60 -0.86
C PRO A 331 -42.67 7.18 -1.43
N ASN A 332 -41.52 6.64 -1.85
CA ASN A 332 -41.49 5.25 -2.34
C ASN A 332 -41.83 4.21 -1.29
N ALA A 333 -41.34 4.41 -0.07
CA ALA A 333 -41.72 3.55 1.06
C ALA A 333 -43.20 3.67 1.41
N MET A 334 -43.72 4.90 1.39
CA MET A 334 -45.14 5.16 1.64
C MET A 334 -46.02 4.41 0.65
N ALA A 335 -45.64 4.43 -0.61
CA ALA A 335 -46.37 3.69 -1.65
C ALA A 335 -46.27 2.18 -1.40
N THR A 336 -45.08 1.72 -1.01
CA THR A 336 -44.85 0.29 -0.75
C THR A 336 -45.76 -0.28 0.35
N ILE A 337 -46.03 0.53 1.39
CA ILE A 337 -46.69 0.06 2.61
C ILE A 337 -48.18 0.38 2.66
N ALA A 338 -48.70 0.94 1.56
CA ALA A 338 -50.08 1.41 1.52
C ALA A 338 -51.10 0.28 1.39
N ARG A 339 -50.64 -0.91 1.01
CA ARG A 339 -51.56 -2.04 0.83
C ARG A 339 -50.85 -3.37 1.11
N ASN A 340 -51.63 -4.37 1.53
CA ASN A 340 -51.13 -5.75 1.71
C ASN A 340 -49.93 -5.78 2.68
N THR A 341 -50.01 -4.95 3.71
CA THR A 341 -48.90 -4.73 4.62
C THR A 341 -49.28 -5.07 6.04
N ILE A 342 -48.35 -5.71 6.77
CA ILE A 342 -48.56 -6.03 8.18
C ILE A 342 -47.71 -5.07 8.98
N PHE A 343 -48.35 -4.31 9.86
CA PHE A 343 -47.67 -3.38 10.75
C PHE A 343 -47.60 -4.01 12.15
N THR A 344 -46.44 -3.86 12.81
CA THR A 344 -46.30 -4.39 14.16
C THR A 344 -45.88 -3.27 15.12
N ASN A 345 -46.66 -3.11 16.18
CA ASN A 345 -46.39 -2.12 17.24
C ASN A 345 -46.42 -0.64 16.85
N VAL A 346 -47.17 -0.29 15.80
CA VAL A 346 -47.40 1.13 15.52
C VAL A 346 -48.68 1.52 16.22
N GLY A 347 -49.00 2.81 16.20
CA GLY A 347 -50.24 3.31 16.77
C GLY A 347 -51.43 3.02 15.87
N LEU A 348 -52.62 3.01 16.48
CA LEU A 348 -53.86 2.78 15.76
C LEU A 348 -54.75 4.01 15.93
N ARG A 349 -55.34 4.47 14.82
CA ARG A 349 -56.14 5.70 14.82
C ARG A 349 -57.62 5.36 14.82
N SER A 350 -58.44 6.33 15.24
CA SER A 350 -59.89 6.20 15.28
C SER A 350 -60.51 6.06 13.89
N ASP A 351 -59.77 6.48 12.85
CA ASP A 351 -60.26 6.37 11.48
C ASP A 351 -59.79 5.08 10.80
N GLY A 352 -59.18 4.19 11.58
CA GLY A 352 -58.80 2.87 11.08
C GLY A 352 -57.47 2.85 10.34
N GLY A 353 -56.68 3.91 10.51
CA GLY A 353 -55.34 3.98 9.96
C GLY A 353 -54.28 3.78 11.01
N VAL A 354 -53.02 4.04 10.66
CA VAL A 354 -51.92 3.83 11.60
C VAL A 354 -51.26 5.14 11.98
N TYR A 355 -50.47 5.11 13.05
CA TYR A 355 -49.70 6.29 13.44
C TYR A 355 -48.32 5.95 14.00
N TRP A 356 -47.35 6.77 13.60
CA TRP A 356 -46.03 6.79 14.19
C TRP A 356 -45.46 8.21 14.09
N ASP A 357 -44.53 8.53 14.98
CA ASP A 357 -43.85 9.83 14.95
C ASP A 357 -43.26 10.04 13.56
N GLY A 358 -43.57 11.21 12.98
CA GLY A 358 -43.10 11.57 11.65
C GLY A 358 -44.11 11.33 10.54
N LEU A 359 -45.12 10.49 10.79
CA LEU A 359 -46.13 10.19 9.76
C LEU A 359 -46.89 11.45 9.39
N ASP A 360 -47.06 11.67 8.09
CA ASP A 360 -47.71 12.87 7.57
C ASP A 360 -48.96 12.60 6.73
N GLU A 361 -49.50 11.40 6.82
CA GLU A 361 -50.78 11.10 6.16
C GLU A 361 -51.83 12.09 6.69
N PRO A 362 -52.51 12.82 5.79
CA PRO A 362 -53.57 13.73 6.23
C PRO A 362 -54.66 12.99 7.00
N THR A 363 -55.10 13.54 8.12
CA THR A 363 -56.20 12.95 8.88
C THR A 363 -57.20 14.04 9.29
N GLU A 364 -58.45 13.65 9.47
CA GLU A 364 -59.51 14.60 9.84
C GLU A 364 -59.23 15.18 11.23
N PRO A 365 -59.76 16.39 11.50
CA PRO A 365 -59.75 16.86 12.89
C PRO A 365 -60.48 15.88 13.81
N GLY A 366 -60.04 15.79 15.06
CA GLY A 366 -60.72 14.94 16.05
C GLY A 366 -60.33 13.48 16.02
N VAL A 367 -59.41 13.11 15.14
CA VAL A 367 -58.89 11.73 15.10
C VAL A 367 -58.06 11.47 16.36
N THR A 368 -58.27 10.30 16.97
CA THR A 368 -57.60 9.99 18.22
C THR A 368 -56.75 8.73 18.09
N TYR A 369 -55.92 8.46 19.09
CA TYR A 369 -54.90 7.40 18.99
C TYR A 369 -54.92 6.41 20.13
N THR A 370 -54.55 5.17 19.79
CA THR A 370 -54.24 4.14 20.75
C THR A 370 -52.81 3.66 20.49
N SER A 371 -51.97 3.72 21.53
CA SER A 371 -50.56 3.36 21.41
C SER A 371 -50.38 1.87 21.17
N TRP A 372 -49.14 1.47 20.91
CA TRP A 372 -48.82 0.05 20.70
C TRP A 372 -49.07 -0.76 21.98
N LEU A 373 -49.23 -0.07 23.11
CA LEU A 373 -49.56 -0.74 24.37
C LEU A 373 -51.08 -0.90 24.60
N GLY A 374 -51.88 -0.38 23.67
CA GLY A 374 -53.32 -0.50 23.79
C GLY A 374 -53.93 0.51 24.74
N LYS A 375 -53.22 1.62 24.96
CA LYS A 375 -53.69 2.69 25.85
C LYS A 375 -54.02 3.94 25.03
N PRO A 376 -54.96 4.77 25.51
CA PRO A 376 -55.18 6.00 24.76
C PRO A 376 -53.89 6.81 24.71
N TRP A 377 -53.65 7.50 23.60
CA TRP A 377 -52.43 8.27 23.40
C TRP A 377 -52.76 9.60 22.74
N LYS A 378 -52.14 10.67 23.24
CA LYS A 378 -52.21 11.96 22.57
C LYS A 378 -50.81 12.57 22.50
N HIS A 379 -50.59 13.46 21.54
CA HIS A 379 -49.32 14.16 21.38
C HIS A 379 -48.90 14.82 22.71
N GLY A 380 -47.64 14.65 23.08
CA GLY A 380 -47.14 15.19 24.36
C GLY A 380 -46.99 14.15 25.45
N ASP A 381 -47.56 12.96 25.25
CA ASP A 381 -47.40 11.78 26.13
CA ASP A 381 -47.39 11.92 26.22
C ASP A 381 -45.89 11.53 26.29
N PRO A 382 -45.44 11.11 27.49
CA PRO A 382 -43.98 10.88 27.64
C PRO A 382 -43.42 9.74 26.77
N GLU A 383 -44.30 8.82 26.37
CA GLU A 383 -43.94 7.68 25.55
C GLU A 383 -44.44 7.86 24.11
N PRO A 384 -43.70 7.31 23.12
CA PRO A 384 -44.14 7.40 21.73
C PRO A 384 -45.38 6.57 21.49
N CYS A 385 -46.14 6.94 20.47
CA CYS A 385 -47.34 6.19 20.11
C CYS A 385 -46.94 4.82 19.55
N ALA A 386 -45.96 4.83 18.68
CA ALA A 386 -45.45 3.60 18.09
C ALA A 386 -44.17 3.24 18.81
N HIS A 387 -43.92 1.94 19.02
CA HIS A 387 -42.64 1.53 19.59
C HIS A 387 -41.52 1.95 18.62
N PRO A 388 -40.36 2.39 19.13
CA PRO A 388 -39.28 2.84 18.25
C PRO A 388 -38.77 1.79 17.27
N ASN A 389 -38.96 0.51 17.61
CA ASN A 389 -38.59 -0.61 16.72
C ASN A 389 -39.80 -1.22 16.00
N SER A 390 -40.92 -0.50 16.00
CA SER A 390 -42.11 -0.93 15.28
C SER A 390 -41.84 -1.05 13.77
N ARG A 391 -42.60 -1.91 13.11
CA ARG A 391 -42.25 -2.34 11.75
C ARG A 391 -43.40 -2.34 10.77
N PHE A 392 -43.05 -2.19 9.48
CA PHE A 392 -43.94 -2.62 8.41
C PHE A 392 -43.33 -3.86 7.76
N CYS A 393 -44.18 -4.72 7.24
CA CYS A 393 -43.72 -5.91 6.49
C CYS A 393 -44.54 -5.91 5.20
N ALA A 394 -43.86 -5.55 4.09
CA ALA A 394 -44.55 -5.33 2.82
C ALA A 394 -43.84 -6.06 1.67
N PRO A 395 -44.60 -6.55 0.67
CA PRO A 395 -44.01 -7.17 -0.50
C PRO A 395 -43.16 -6.20 -1.30
N ALA A 396 -41.97 -6.63 -1.73
CA ALA A 396 -41.03 -5.71 -2.41
C ALA A 396 -41.58 -5.27 -3.76
N ASP A 397 -42.44 -6.09 -4.37
CA ASP A 397 -42.93 -5.76 -5.69
C ASP A 397 -43.88 -4.55 -5.70
N GLN A 398 -44.20 -4.04 -4.51
CA GLN A 398 -45.04 -2.85 -4.37
C GLN A 398 -44.24 -1.57 -4.35
N CYS A 399 -42.92 -1.68 -4.29
CA CYS A 399 -42.10 -0.48 -4.30
C CYS A 399 -42.09 0.01 -5.75
N PRO A 400 -42.52 1.27 -6.00
CA PRO A 400 -42.61 1.85 -7.34
C PRO A 400 -41.29 1.88 -8.13
N ILE A 401 -40.17 1.85 -7.43
CA ILE A 401 -38.86 1.94 -8.11
C ILE A 401 -38.04 0.65 -8.06
N MET A 402 -38.69 -0.49 -7.80
CA MET A 402 -37.98 -1.77 -7.90
C MET A 402 -37.30 -1.90 -9.25
N ASP A 403 -36.01 -2.25 -9.22
CA ASP A 403 -35.22 -2.42 -10.44
C ASP A 403 -35.85 -3.52 -11.30
N PRO A 404 -35.84 -3.34 -12.64
CA PRO A 404 -36.32 -4.43 -13.49
C PRO A 404 -35.61 -5.77 -13.24
N ARG A 405 -34.40 -5.74 -12.70
CA ARG A 405 -33.64 -6.97 -12.48
CA ARG A 405 -33.61 -6.97 -12.47
C ARG A 405 -33.55 -7.38 -11.00
N TRP A 406 -34.41 -6.79 -10.17
CA TRP A 406 -34.38 -7.05 -8.73
C TRP A 406 -34.60 -8.53 -8.36
N ASP A 407 -35.32 -9.28 -9.21
CA ASP A 407 -35.46 -10.71 -9.00
C ASP A 407 -34.95 -11.56 -10.17
N ASP A 408 -34.02 -11.00 -10.94
CA ASP A 408 -33.28 -11.69 -11.99
C ASP A 408 -32.33 -12.73 -11.35
N PRO A 409 -32.48 -14.03 -11.71
CA PRO A 409 -31.66 -15.10 -11.14
C PRO A 409 -30.13 -14.93 -11.32
N GLU A 410 -29.70 -14.24 -12.37
CA GLU A 410 -28.26 -14.05 -12.61
C GLU A 410 -27.63 -13.00 -11.68
N GLY A 411 -28.46 -12.17 -11.07
CA GLY A 411 -27.95 -11.09 -10.21
C GLY A 411 -27.41 -9.92 -11.00
N VAL A 412 -27.07 -8.84 -10.30
CA VAL A 412 -26.68 -7.59 -10.94
C VAL A 412 -25.20 -7.31 -10.66
N PRO A 413 -24.47 -6.77 -11.64
CA PRO A 413 -23.04 -6.51 -11.41
C PRO A 413 -22.75 -5.29 -10.53
N ILE A 414 -21.93 -5.49 -9.49
CA ILE A 414 -21.67 -4.43 -8.48
C ILE A 414 -20.34 -3.75 -8.82
N ASP A 415 -20.39 -2.44 -9.04
CA ASP A 415 -19.16 -1.71 -9.42
C ASP A 415 -18.67 -0.76 -8.31
N ALA A 416 -19.46 -0.64 -7.25
CA ALA A 416 -19.09 0.16 -6.07
C ALA A 416 -19.72 -0.42 -4.80
N ILE A 417 -18.95 -0.40 -3.71
CA ILE A 417 -19.44 -0.78 -2.41
C ILE A 417 -19.18 0.40 -1.50
N ILE A 418 -20.21 0.80 -0.78
CA ILE A 418 -20.19 2.05 -0.01
C ILE A 418 -20.39 1.73 1.45
N PHE A 419 -19.47 2.21 2.30
CA PHE A 419 -19.63 2.07 3.74
C PHE A 419 -20.16 3.39 4.31
N GLY A 420 -21.12 3.32 5.23
CA GLY A 420 -21.77 4.54 5.70
C GLY A 420 -21.57 4.78 7.18
N GLY A 421 -21.73 6.04 7.59
CA GLY A 421 -21.61 6.37 8.98
C GLY A 421 -22.34 7.65 9.30
N ARG A 422 -22.36 8.00 10.58
CA ARG A 422 -23.05 9.19 11.01
C ARG A 422 -22.18 9.88 12.03
N ARG A 423 -21.51 10.94 11.57
CA ARG A 423 -20.59 11.69 12.41
C ARG A 423 -20.83 13.19 12.21
N PRO A 424 -20.97 13.93 13.33
CA PRO A 424 -21.14 15.39 13.27
C PRO A 424 -19.87 16.12 12.84
N ARG A 425 -18.71 15.50 13.05
CA ARG A 425 -17.41 16.12 12.76
CA ARG A 425 -17.43 16.12 12.70
C ARG A 425 -16.43 15.13 12.14
N GLY A 426 -15.45 15.65 11.39
CA GLY A 426 -14.26 14.88 11.00
C GLY A 426 -14.30 14.00 9.77
N VAL A 427 -15.37 13.24 9.61
CA VAL A 427 -15.48 12.27 8.52
C VAL A 427 -16.16 12.94 7.31
N PRO A 428 -15.42 13.06 6.18
CA PRO A 428 -15.94 13.77 5.01
C PRO A 428 -17.21 13.18 4.43
N LEU A 429 -17.93 14.01 3.65
CA LEU A 429 -19.12 13.57 2.92
C LEU A 429 -18.88 12.26 2.14
N VAL A 430 -17.80 12.22 1.35
CA VAL A 430 -17.45 10.98 0.63
C VAL A 430 -15.94 10.88 0.49
N VAL A 431 -15.45 9.65 0.63
CA VAL A 431 -14.02 9.34 0.46
CA VAL A 431 -14.03 9.34 0.42
C VAL A 431 -13.95 8.01 -0.33
N GLU A 432 -13.00 7.91 -1.25
CA GLU A 432 -12.75 6.66 -1.95
C GLU A 432 -11.44 6.06 -1.48
N ALA A 433 -11.45 4.74 -1.25
CA ALA A 433 -10.25 4.00 -0.82
C ALA A 433 -9.20 4.01 -1.91
N PHE A 434 -7.93 3.92 -1.52
CA PHE A 434 -6.83 3.90 -2.48
C PHE A 434 -6.68 2.55 -3.16
N GLY A 435 -7.32 1.52 -2.60
CA GLY A 435 -7.22 0.16 -3.15
C GLY A 435 -8.04 -0.79 -2.30
N TRP A 436 -7.99 -2.08 -2.63
CA TRP A 436 -8.85 -3.08 -1.99
C TRP A 436 -8.62 -3.22 -0.49
N ARG A 437 -7.36 -3.41 -0.10
CA ARG A 437 -7.06 -3.61 1.33
C ARG A 437 -7.41 -2.34 2.11
N HIS A 438 -7.14 -1.17 1.51
CA HIS A 438 -7.48 0.09 2.17
C HIS A 438 -8.99 0.19 2.43
N GLY A 439 -9.78 -0.20 1.42
CA GLY A 439 -11.24 -0.22 1.56
C GLY A 439 -11.74 -1.20 2.60
N VAL A 440 -11.11 -2.36 2.68
CA VAL A 440 -11.52 -3.33 3.70
C VAL A 440 -11.26 -2.73 5.08
N PHE A 441 -10.14 -2.02 5.20
CA PHE A 441 -9.88 -1.25 6.42
C PHE A 441 -10.99 -0.24 6.73
N MET A 442 -11.41 0.53 5.73
CA MET A 442 -12.49 1.50 5.95
C MET A 442 -13.78 0.80 6.45
N GLY A 443 -14.10 -0.33 5.86
CA GLY A 443 -15.28 -1.10 6.28
C GLY A 443 -15.14 -1.57 7.73
N SER A 444 -13.95 -2.07 8.08
CA SER A 444 -13.66 -2.54 9.44
C SER A 444 -13.71 -1.43 10.48
N ALA A 445 -13.53 -0.20 10.01
CA ALA A 445 -13.45 0.99 10.88
C ALA A 445 -14.76 1.77 11.05
N MET A 446 -15.85 1.25 10.47
CA MET A 446 -17.17 1.90 10.57
C MET A 446 -17.63 2.09 12.03
N ARG A 447 -18.31 3.20 12.27
CA ARG A 447 -18.88 3.48 13.60
C ARG A 447 -20.42 3.51 13.60
N SER A 448 -21.01 3.38 14.78
CA SER A 448 -22.47 3.47 14.95
C SER A 448 -22.82 3.99 16.34
N LEU A 461 -18.94 6.16 21.24
CA LEU A 461 -19.42 5.78 19.90
C LEU A 461 -19.05 4.35 19.51
N MET A 462 -20.05 3.57 19.09
CA MET A 462 -19.85 2.15 18.81
C MET A 462 -19.19 1.85 17.48
N HIS A 463 -18.55 0.70 17.40
CA HIS A 463 -17.94 0.24 16.18
C HIS A 463 -18.86 -0.79 15.58
N ASP A 464 -19.02 -0.71 14.27
CA ASP A 464 -19.91 -1.62 13.56
C ASP A 464 -19.29 -2.00 12.22
N PRO A 465 -18.24 -2.85 12.27
CA PRO A 465 -17.48 -3.20 11.07
C PRO A 465 -18.39 -3.83 10.03
N PHE A 466 -18.40 -3.24 8.82
CA PHE A 466 -19.22 -3.71 7.69
C PHE A 466 -20.71 -3.73 8.00
N ALA A 467 -21.13 -2.98 9.02
CA ALA A 467 -22.51 -3.06 9.54
C ALA A 467 -22.89 -4.51 9.95
N MET A 468 -21.88 -5.33 10.21
CA MET A 468 -22.12 -6.74 10.52
C MET A 468 -22.03 -7.12 12.01
N ARG A 469 -21.81 -6.12 12.88
CA ARG A 469 -21.46 -6.40 14.29
C ARG A 469 -22.40 -7.41 14.97
N PRO A 470 -23.73 -7.20 14.87
CA PRO A 470 -24.67 -8.14 15.49
C PRO A 470 -24.91 -9.42 14.66
N PHE A 471 -24.27 -9.57 13.50
CA PHE A 471 -24.68 -10.60 12.54
C PHE A 471 -23.58 -11.53 12.06
N PHE A 472 -22.40 -11.48 12.68
CA PHE A 472 -21.33 -12.40 12.29
C PHE A 472 -21.74 -13.84 12.53
N GLY A 473 -21.39 -14.72 11.59
CA GLY A 473 -21.72 -16.15 11.68
C GLY A 473 -20.50 -16.99 12.03
N TYR A 474 -19.36 -16.32 12.12
CA TYR A 474 -18.07 -16.94 12.43
C TYR A 474 -17.08 -15.85 12.83
N ASN A 475 -15.88 -16.26 13.25
CA ASN A 475 -14.88 -15.34 13.82
C ASN A 475 -14.75 -14.08 12.97
N ALA A 476 -15.06 -12.91 13.55
CA ALA A 476 -15.07 -11.66 12.79
C ALA A 476 -13.72 -11.31 12.17
N GLY A 477 -12.63 -11.68 12.84
CA GLY A 477 -11.30 -11.50 12.26
C GLY A 477 -11.14 -12.32 10.99
N ARG A 478 -11.75 -13.50 10.96
CA ARG A 478 -11.63 -14.38 9.80
C ARG A 478 -12.55 -13.90 8.68
N TYR A 479 -13.60 -13.18 9.04
CA TYR A 479 -14.50 -12.55 8.06
C TYR A 479 -13.71 -11.45 7.34
N LEU A 480 -12.92 -10.68 8.11
CA LEU A 480 -12.08 -9.66 7.50
C LEU A 480 -11.05 -10.33 6.60
N GLU A 481 -10.51 -11.47 7.03
CA GLU A 481 -9.58 -12.22 6.21
C GLU A 481 -10.25 -12.68 4.90
N HIS A 482 -11.49 -13.13 5.00
CA HIS A 482 -12.27 -13.54 3.82
C HIS A 482 -12.43 -12.38 2.83
N TRP A 483 -12.73 -11.18 3.33
CA TRP A 483 -12.81 -9.99 2.48
C TRP A 483 -11.47 -9.67 1.79
N LEU A 484 -10.36 -9.79 2.52
CA LEU A 484 -9.03 -9.61 1.91
C LEU A 484 -8.73 -10.67 0.85
N SER A 485 -9.05 -11.92 1.16
CA SER A 485 -8.80 -13.02 0.22
CA SER A 485 -8.83 -13.04 0.24
C SER A 485 -9.63 -12.86 -1.05
N THR A 486 -10.85 -12.37 -0.91
CA THR A 486 -11.76 -12.10 -2.02
C THR A 486 -11.15 -11.14 -3.04
N GLY A 487 -10.39 -10.15 -2.58
CA GLY A 487 -9.75 -9.21 -3.47
C GLY A 487 -8.60 -9.79 -4.27
N LEU A 488 -8.15 -10.99 -3.90
CA LEU A 488 -7.04 -11.65 -4.60
C LEU A 488 -7.48 -12.53 -5.77
N ARG A 489 -8.79 -12.64 -5.99
CA ARG A 489 -9.34 -13.46 -7.07
C ARG A 489 -8.77 -13.04 -8.42
N SER A 490 -8.18 -13.99 -9.14
CA SER A 490 -7.55 -13.67 -10.42
C SER A 490 -8.60 -13.13 -11.40
N ASN A 491 -8.28 -12.00 -12.02
CA ASN A 491 -9.12 -11.32 -13.03
C ASN A 491 -10.48 -10.78 -12.56
N ALA A 492 -10.67 -10.74 -11.25
CA ALA A 492 -11.84 -10.09 -10.63
C ALA A 492 -11.89 -8.60 -10.98
N ARG A 493 -13.10 -8.13 -11.31
CA ARG A 493 -13.36 -6.73 -11.52
C ARG A 493 -13.88 -6.16 -10.20
N LEU A 494 -12.96 -5.86 -9.29
CA LEU A 494 -13.31 -5.48 -7.92
C LEU A 494 -14.04 -4.15 -7.93
N PRO A 495 -15.15 -4.07 -7.19
CA PRO A 495 -15.78 -2.76 -7.07
C PRO A 495 -14.84 -1.79 -6.35
N ARG A 496 -14.98 -0.50 -6.66
CA ARG A 496 -14.33 0.54 -5.88
C ARG A 496 -15.07 0.68 -4.56
N LEU A 497 -14.33 1.01 -3.51
CA LEU A 497 -14.85 1.09 -2.15
C LEU A 497 -14.83 2.52 -1.64
N PHE A 498 -15.93 2.88 -0.97
CA PHE A 498 -16.15 4.26 -0.54
C PHE A 498 -16.67 4.29 0.89
N HIS A 499 -16.51 5.43 1.55
CA HIS A 499 -17.15 5.68 2.83
C HIS A 499 -17.87 7.01 2.71
N VAL A 500 -19.13 7.05 3.17
CA VAL A 500 -19.92 8.29 3.11
C VAL A 500 -20.40 8.67 4.50
N ASN A 501 -20.60 9.98 4.68
CA ASN A 501 -21.18 10.51 5.89
C ASN A 501 -22.11 11.67 5.54
N TRP A 502 -23.43 11.44 5.65
CA TRP A 502 -24.42 12.46 5.33
C TRP A 502 -24.59 13.51 6.43
N PHE A 503 -23.91 13.32 7.56
CA PHE A 503 -24.38 13.93 8.79
C PHE A 503 -23.44 14.93 9.47
N LEU A 504 -22.48 15.48 8.73
CA LEU A 504 -21.67 16.57 9.27
C LEU A 504 -22.53 17.76 9.69
N ARG A 505 -22.12 18.40 10.77
CA ARG A 505 -22.81 19.57 11.30
CA ARG A 505 -22.81 19.57 11.30
C ARG A 505 -21.91 20.80 11.23
N ASP A 506 -22.52 21.98 11.12
CA ASP A 506 -21.77 23.22 11.09
C ASP A 506 -21.71 23.81 12.51
N ASN A 507 -21.04 24.95 12.65
CA ASN A 507 -20.90 25.63 13.95
C ASN A 507 -22.22 25.87 14.68
N GLU A 508 -23.32 25.97 13.94
CA GLU A 508 -24.62 26.25 14.55
C GLU A 508 -25.40 24.97 14.86
N GLY A 509 -24.80 23.82 14.54
CA GLY A 509 -25.44 22.53 14.79
C GLY A 509 -26.42 22.07 13.74
N ARG A 510 -26.42 22.73 12.57
CA ARG A 510 -27.27 22.30 11.46
C ARG A 510 -26.43 21.45 10.52
N PHE A 511 -27.09 20.56 9.77
CA PHE A 511 -26.38 19.72 8.80
C PHE A 511 -25.77 20.58 7.70
N VAL A 512 -24.55 20.25 7.32
CA VAL A 512 -23.86 20.92 6.21
C VAL A 512 -24.43 20.46 4.87
N TRP A 513 -24.93 19.22 4.85
CA TRP A 513 -25.39 18.56 3.64
C TRP A 513 -26.90 18.35 3.72
N PRO A 514 -27.64 18.78 2.68
CA PRO A 514 -29.11 18.65 2.70
C PRO A 514 -29.62 17.19 2.68
N GLY A 515 -28.83 16.27 2.16
CA GLY A 515 -29.17 14.85 2.17
C GLY A 515 -30.38 14.51 1.34
N PHE A 516 -30.99 13.37 1.66
CA PHE A 516 -32.17 12.83 0.96
C PHE A 516 -31.89 12.75 -0.54
N GLY A 517 -32.78 13.26 -1.37
CA GLY A 517 -32.60 13.23 -2.83
C GLY A 517 -31.29 13.81 -3.36
N HIS A 518 -30.69 14.73 -2.61
CA HIS A 518 -29.39 15.30 -2.99
C HIS A 518 -28.23 14.32 -2.85
N ASN A 519 -28.43 13.25 -2.08
CA ASN A 519 -27.41 12.19 -2.01
C ASN A 519 -27.10 11.62 -3.39
N ALA A 520 -28.02 11.81 -4.33
CA ALA A 520 -27.77 11.43 -5.73
C ALA A 520 -26.52 12.10 -6.31
N ARG A 521 -26.21 13.30 -5.83
CA ARG A 521 -25.01 14.02 -6.24
C ARG A 521 -23.74 13.28 -5.84
N VAL A 522 -23.79 12.62 -4.67
CA VAL A 522 -22.65 11.83 -4.22
C VAL A 522 -22.58 10.54 -5.03
N LEU A 523 -23.72 9.90 -5.28
CA LEU A 523 -23.74 8.71 -6.16
C LEU A 523 -23.25 9.04 -7.57
N ALA A 524 -23.56 10.24 -8.06
CA ALA A 524 -23.13 10.66 -9.39
C ALA A 524 -21.63 10.76 -9.48
N TRP A 525 -21.01 11.30 -8.43
CA TRP A 525 -19.56 11.39 -8.37
C TRP A 525 -18.95 9.99 -8.37
N ILE A 526 -19.48 9.10 -7.52
CA ILE A 526 -19.02 7.71 -7.45
C ILE A 526 -19.16 7.03 -8.81
N PHE A 527 -20.29 7.27 -9.48
CA PHE A 527 -20.58 6.78 -10.84
C PHE A 527 -19.43 7.17 -11.77
N GLY A 528 -19.04 8.44 -11.73
CA GLY A 528 -17.96 8.94 -12.58
C GLY A 528 -16.61 8.29 -12.25
N ARG A 529 -16.40 8.00 -10.97
CA ARG A 529 -15.18 7.34 -10.53
C ARG A 529 -15.10 5.90 -11.05
N ILE A 530 -16.22 5.19 -11.01
CA ILE A 530 -16.35 3.89 -11.67
C ILE A 530 -15.95 3.98 -13.14
N GLN A 531 -16.30 5.09 -13.77
CA GLN A 531 -16.07 5.28 -15.20
CA GLN A 531 -16.05 5.26 -15.20
C GLN A 531 -14.62 5.66 -15.52
N GLY A 532 -13.79 5.77 -14.49
CA GLY A 532 -12.36 6.09 -14.68
C GLY A 532 -12.05 7.58 -14.80
N ARG A 533 -13.02 8.41 -14.47
CA ARG A 533 -12.88 9.86 -14.60
C ARG A 533 -11.90 10.47 -13.59
N ASP A 534 -11.17 11.47 -14.06
CA ASP A 534 -10.14 12.16 -13.29
C ASP A 534 -10.78 13.28 -12.46
N THR A 535 -11.54 12.88 -11.43
CA THR A 535 -12.37 13.84 -10.69
C THR A 535 -12.05 13.85 -9.18
N ALA A 536 -10.86 13.39 -8.83
CA ALA A 536 -10.50 13.23 -7.42
C ALA A 536 -9.16 13.87 -7.11
N ARG A 537 -9.00 14.26 -5.84
CA ARG A 537 -7.72 14.72 -5.31
C ARG A 537 -7.34 13.87 -4.10
N PRO A 538 -6.03 13.66 -3.86
CA PRO A 538 -5.63 12.78 -2.76
C PRO A 538 -5.58 13.51 -1.42
N THR A 539 -5.92 12.79 -0.35
CA THR A 539 -5.84 13.31 1.02
C THR A 539 -5.24 12.19 1.88
N PRO A 540 -4.86 12.47 3.13
CA PRO A 540 -4.40 11.38 4.02
C PRO A 540 -5.37 10.20 4.19
N ILE A 541 -6.65 10.41 3.96
CA ILE A 541 -7.65 9.37 4.24
CA ILE A 541 -7.63 9.35 4.24
C ILE A 541 -8.15 8.66 2.98
N GLY A 542 -7.74 9.15 1.80
CA GLY A 542 -8.23 8.60 0.54
C GLY A 542 -8.47 9.66 -0.51
N TRP A 543 -9.10 9.27 -1.61
CA TRP A 543 -9.48 10.22 -2.65
C TRP A 543 -10.75 10.96 -2.23
N VAL A 544 -10.79 12.26 -2.48
CA VAL A 544 -12.05 13.01 -2.31
C VAL A 544 -12.33 13.73 -3.63
N PRO A 545 -13.62 14.10 -3.88
CA PRO A 545 -13.90 14.87 -5.11
C PRO A 545 -13.15 16.19 -5.09
N LYS A 546 -12.59 16.58 -6.24
CA LYS A 546 -12.10 17.94 -6.42
C LYS A 546 -13.27 18.89 -6.26
N GLU A 547 -13.02 20.05 -5.67
CA GLU A 547 -14.02 21.11 -5.65
C GLU A 547 -14.38 21.47 -7.10
N GLY A 548 -15.67 21.42 -7.40
CA GLY A 548 -16.13 21.60 -8.78
C GLY A 548 -16.56 20.30 -9.44
N ASP A 549 -16.00 19.17 -8.99
CA ASP A 549 -16.35 17.86 -9.56
C ASP A 549 -17.48 17.18 -8.80
N LEU A 550 -17.84 17.74 -7.65
CA LEU A 550 -19.05 17.33 -6.98
C LEU A 550 -20.09 18.37 -7.37
N ASP A 551 -21.22 17.92 -7.90
CA ASP A 551 -22.22 18.84 -8.44
C ASP A 551 -22.99 19.50 -7.31
N LEU A 552 -22.69 20.78 -7.08
CA LEU A 552 -23.36 21.58 -6.07
C LEU A 552 -24.26 22.65 -6.71
N GLY A 553 -24.44 22.55 -8.02
CA GLY A 553 -25.33 23.45 -8.76
C GLY A 553 -26.77 23.23 -8.32
N GLY A 554 -27.41 24.30 -7.85
CA GLY A 554 -28.75 24.19 -7.29
C GLY A 554 -28.71 24.04 -5.78
N LEU A 555 -27.50 24.00 -5.23
CA LEU A 555 -27.30 24.00 -3.79
C LEU A 555 -26.47 25.21 -3.38
N PRO A 556 -27.06 26.40 -3.43
CA PRO A 556 -26.32 27.59 -3.05
C PRO A 556 -26.22 27.66 -1.53
N GLY A 557 -25.05 28.05 -1.04
CA GLY A 557 -24.83 28.15 0.40
C GLY A 557 -24.09 26.93 0.92
N VAL A 558 -24.28 25.78 0.28
CA VAL A 558 -23.58 24.57 0.68
C VAL A 558 -22.07 24.79 0.51
N ASP A 559 -21.34 24.53 1.59
CA ASP A 559 -19.93 24.89 1.69
C ASP A 559 -19.05 23.66 1.55
N TYR A 560 -18.41 23.56 0.39
CA TYR A 560 -17.50 22.45 0.09
C TYR A 560 -16.48 22.20 1.20
N SER A 561 -15.86 23.25 1.72
CA SER A 561 -14.80 23.07 2.73
C SER A 561 -15.34 22.44 4.01
N GLN A 562 -16.63 22.64 4.28
CA GLN A 562 -17.28 22.00 5.44
C GLN A 562 -17.66 20.54 5.15
N LEU A 563 -17.85 20.18 3.88
CA LEU A 563 -18.14 18.80 3.49
C LEU A 563 -16.90 17.93 3.46
N PHE A 564 -15.73 18.56 3.31
CA PHE A 564 -14.47 17.83 3.23
C PHE A 564 -13.45 18.37 4.22
N PRO A 565 -13.77 18.26 5.53
CA PRO A 565 -12.82 18.65 6.56
C PRO A 565 -11.62 17.74 6.52
N MET A 566 -10.45 18.27 6.87
CA MET A 566 -9.25 17.45 6.94
C MET A 566 -8.53 17.84 8.23
N GLU A 567 -9.00 17.29 9.34
CA GLU A 567 -8.62 17.74 10.69
C GLU A 567 -7.65 16.77 11.37
N LYS A 568 -6.40 17.18 11.52
CA LYS A 568 -5.36 16.33 12.13
C LYS A 568 -5.75 15.82 13.53
N GLY A 569 -6.19 16.73 14.41
CA GLY A 569 -6.67 16.33 15.73
C GLY A 569 -7.73 15.23 15.72
N PHE A 570 -8.71 15.36 14.83
CA PHE A 570 -9.76 14.35 14.74
C PHE A 570 -9.19 12.98 14.38
N TRP A 571 -8.31 12.93 13.39
CA TRP A 571 -7.78 11.66 12.90
C TRP A 571 -6.78 11.03 13.87
N GLU A 572 -6.06 11.86 14.63
CA GLU A 572 -5.19 11.33 15.67
C GLU A 572 -6.03 10.58 16.71
N GLU A 573 -7.14 11.17 17.11
CA GLU A 573 -8.05 10.53 18.05
C GLU A 573 -8.74 9.31 17.45
N GLU A 574 -9.18 9.42 16.18
CA GLU A 574 -9.84 8.31 15.53
C GLU A 574 -8.89 7.11 15.44
N CYS A 575 -7.61 7.37 15.14
CA CYS A 575 -6.61 6.29 15.09
C CYS A 575 -6.40 5.64 16.47
N ARG A 576 -6.34 6.45 17.52
CA ARG A 576 -6.19 5.93 18.89
C ARG A 576 -7.36 5.01 19.25
N GLN A 577 -8.57 5.45 18.90
CA GLN A 577 -9.78 4.70 19.20
C GLN A 577 -9.81 3.37 18.46
N LEU A 578 -9.43 3.39 17.18
CA LEU A 578 -9.43 2.18 16.37
C LEU A 578 -8.38 1.19 16.86
N ARG A 579 -7.22 1.70 17.27
CA ARG A 579 -6.14 0.84 17.72
C ARG A 579 -6.56 0.10 19.00
N GLU A 580 -7.19 0.82 19.91
CA GLU A 580 -7.72 0.24 21.13
C GLU A 580 -8.84 -0.77 20.83
N TYR A 581 -9.74 -0.39 19.93
CA TYR A 581 -10.84 -1.26 19.46
C TYR A 581 -10.33 -2.57 18.88
N TYR A 582 -9.39 -2.49 17.96
CA TYR A 582 -8.82 -3.70 17.34
C TYR A 582 -8.13 -4.58 18.37
N GLY A 583 -7.34 -3.95 19.23
CA GLY A 583 -6.57 -4.65 20.24
C GLY A 583 -7.45 -5.42 21.21
N GLU A 584 -8.49 -4.77 21.71
CA GLU A 584 -9.39 -5.41 22.66
C GLU A 584 -10.28 -6.46 21.99
N ASN A 585 -10.85 -6.12 20.85
CA ASN A 585 -11.90 -6.92 20.26
C ASN A 585 -11.49 -7.99 19.26
N PHE A 586 -10.38 -7.78 18.55
CA PHE A 586 -9.91 -8.78 17.58
C PHE A 586 -8.61 -9.45 18.03
N GLY A 587 -7.75 -8.70 18.71
CA GLY A 587 -6.45 -9.22 19.12
C GLY A 587 -5.68 -9.86 17.97
N ALA A 588 -5.13 -11.04 18.23
CA ALA A 588 -4.37 -11.79 17.23
C ALA A 588 -5.20 -12.25 16.04
N ASP A 589 -6.53 -12.16 16.15
CA ASP A 589 -7.41 -12.56 15.03
C ASP A 589 -7.60 -11.47 13.96
N LEU A 590 -7.14 -10.27 14.23
CA LEU A 590 -7.15 -9.21 13.23
C LEU A 590 -6.12 -9.53 12.15
N PRO A 591 -6.53 -9.55 10.86
CA PRO A 591 -5.52 -9.76 9.82
C PRO A 591 -4.45 -8.67 9.82
N ARG A 592 -3.22 -9.07 9.54
CA ARG A 592 -2.10 -8.14 9.48
C ARG A 592 -2.37 -6.98 8.52
N ASP A 593 -2.99 -7.26 7.38
CA ASP A 593 -3.26 -6.21 6.39
C ASP A 593 -4.14 -5.10 6.94
N VAL A 594 -5.04 -5.44 7.86
CA VAL A 594 -5.89 -4.42 8.46
C VAL A 594 -5.07 -3.52 9.40
N MET A 595 -4.30 -4.12 10.30
CA MET A 595 -3.39 -3.36 11.17
C MET A 595 -2.41 -2.51 10.34
N ALA A 596 -1.95 -3.05 9.21
CA ALA A 596 -1.00 -2.32 8.36
C ALA A 596 -1.64 -1.05 7.82
N GLU A 597 -2.94 -1.14 7.48
CA GLU A 597 -3.71 0.02 7.04
C GLU A 597 -3.86 1.08 8.13
N LEU A 598 -4.14 0.65 9.36
CA LEU A 598 -4.16 1.60 10.47
C LEU A 598 -2.80 2.29 10.64
N GLU A 599 -1.73 1.51 10.57
CA GLU A 599 -0.38 2.04 10.72
C GLU A 599 -0.08 3.04 9.60
N GLY A 600 -0.56 2.75 8.40
CA GLY A 600 -0.36 3.65 7.24
C GLY A 600 -1.10 4.96 7.44
N LEU A 601 -2.36 4.86 7.90
CA LEU A 601 -3.15 6.05 8.21
C LEU A 601 -2.48 6.89 9.30
N GLU A 602 -1.96 6.24 10.34
CA GLU A 602 -1.25 6.93 11.42
C GLU A 602 -0.06 7.74 10.92
N GLU A 603 0.73 7.14 10.04
CA GLU A 603 1.89 7.80 9.51
C GLU A 603 1.50 8.98 8.61
N ARG A 604 0.50 8.78 7.76
CA ARG A 604 0.00 9.85 6.89
C ARG A 604 -0.55 11.02 7.73
N VAL A 605 -1.23 10.71 8.82
CA VAL A 605 -1.77 11.73 9.73
C VAL A 605 -0.63 12.50 10.44
N ARG A 606 0.44 11.78 10.79
CA ARG A 606 1.61 12.38 11.42
C ARG A 606 2.19 13.50 10.58
N LYS A 607 2.09 13.38 9.25
CA LYS A 607 2.73 14.35 8.36
CA LYS A 607 2.72 14.32 8.31
C LYS A 607 1.77 15.41 7.82
N MET A 608 0.54 15.44 8.35
CA MET A 608 -0.45 16.44 7.92
C MET A 608 -0.52 17.68 8.81
N LEU B 1 56.63 16.19 0.83
CA LEU B 1 57.28 14.95 1.32
C LEU B 1 58.38 15.27 2.32
N SER B 2 58.31 14.65 3.49
CA SER B 2 59.31 14.88 4.54
C SER B 2 59.50 13.63 5.39
N THR B 3 60.73 13.43 5.88
CA THR B 3 61.04 12.34 6.81
C THR B 3 60.65 12.67 8.27
N SER B 4 60.36 13.95 8.54
CA SER B 4 59.91 14.33 9.87
C SER B 4 58.41 14.03 10.01
N LEU B 5 58.09 13.21 11.01
CA LEU B 5 56.71 12.85 11.31
C LEU B 5 56.12 13.65 12.48
N SER B 6 56.92 14.54 13.06
CA SER B 6 56.55 15.27 14.28
C SER B 6 55.20 16.02 14.19
N ALA B 7 54.76 16.32 12.97
CA ALA B 7 53.50 17.04 12.74
C ALA B 7 52.25 16.15 12.76
N LEU B 8 52.45 14.83 12.81
CA LEU B 8 51.33 13.90 12.94
C LEU B 8 50.92 13.77 14.40
N PRO B 9 49.60 13.75 14.67
CA PRO B 9 49.15 13.58 16.06
C PRO B 9 49.40 12.13 16.51
N ALA B 10 49.38 11.93 17.83
CA ALA B 10 49.79 10.65 18.43
C ALA B 10 49.13 9.43 17.81
N ALA B 11 47.81 9.48 17.65
CA ALA B 11 47.05 8.36 17.10
C ALA B 11 47.50 8.00 15.69
N ALA B 12 47.72 9.01 14.86
CA ALA B 12 48.25 8.80 13.50
C ALA B 12 49.68 8.28 13.51
N ARG B 13 50.51 8.80 14.41
CA ARG B 13 51.87 8.28 14.55
C ARG B 13 51.88 6.78 14.92
N ASP B 14 50.99 6.38 15.83
CA ASP B 14 50.88 4.99 16.25
C ASP B 14 50.49 4.06 15.10
N PHE B 15 49.51 4.49 14.29
CA PHE B 15 49.11 3.73 13.10
C PHE B 15 50.27 3.56 12.12
N VAL B 16 50.97 4.65 11.83
CA VAL B 16 52.12 4.64 10.93
C VAL B 16 53.21 3.72 11.46
N GLU B 17 53.55 3.86 12.74
CA GLU B 17 54.51 2.98 13.38
C GLU B 17 54.11 1.49 13.30
N GLU B 18 52.83 1.20 13.53
CA GLU B 18 52.29 -0.15 13.34
C GLU B 18 52.56 -0.64 11.91
N ALA B 19 52.23 0.18 10.93
CA ALA B 19 52.44 -0.17 9.51
C ALA B 19 53.91 -0.33 9.17
N VAL B 20 54.76 0.50 9.77
CA VAL B 20 56.22 0.42 9.55
C VAL B 20 56.76 -0.92 10.05
N ARG B 21 56.37 -1.31 11.26
CA ARG B 21 56.86 -2.56 11.85
C ARG B 21 56.42 -3.77 11.03
N LEU B 22 55.21 -3.70 10.48
CA LEU B 22 54.65 -4.78 9.68
C LEU B 22 55.27 -4.89 8.29
N CYS B 23 55.26 -3.78 7.56
CA CYS B 23 55.64 -3.79 6.14
C CYS B 23 57.13 -3.65 5.90
N ARG B 24 57.84 -3.12 6.90
CA ARG B 24 59.30 -2.97 6.85
C ARG B 24 59.79 -2.13 5.66
N PRO B 25 59.29 -0.89 5.53
CA PRO B 25 59.70 -0.03 4.43
C PRO B 25 61.11 0.49 4.62
N ARG B 26 61.72 0.97 3.51
CA ARG B 26 63.07 1.53 3.52
C ARG B 26 63.11 2.87 4.25
N GLU B 27 62.08 3.69 4.02
CA GLU B 27 61.97 5.00 4.66
C GLU B 27 60.50 5.38 4.79
N VAL B 28 60.22 6.39 5.61
CA VAL B 28 58.85 6.85 5.84
C VAL B 28 58.74 8.34 5.48
N LEU B 29 57.78 8.66 4.61
CA LEU B 29 57.58 10.03 4.12
C LEU B 29 56.16 10.56 4.39
N LEU B 30 56.09 11.71 5.05
CA LEU B 30 54.83 12.38 5.33
C LEU B 30 54.47 13.28 4.14
N CYS B 31 53.27 13.11 3.59
CA CYS B 31 52.81 13.95 2.48
C CYS B 31 52.20 15.24 3.01
N ASP B 32 52.48 16.36 2.34
CA ASP B 32 51.94 17.65 2.79
C ASP B 32 50.93 18.27 1.84
N GLY B 33 50.69 17.62 0.71
CA GLY B 33 49.74 18.11 -0.30
C GLY B 33 50.18 19.31 -1.13
N SER B 34 51.44 19.72 -1.00
CA SER B 34 51.96 20.91 -1.68
C SER B 34 52.15 20.73 -3.19
N GLU B 35 52.22 21.87 -3.89
CA GLU B 35 52.60 21.89 -5.29
C GLU B 35 53.98 21.30 -5.54
N GLU B 36 54.96 21.66 -4.72
CA GLU B 36 56.32 21.13 -4.86
C GLU B 36 56.36 19.60 -4.69
N GLU B 37 55.53 19.09 -3.78
CA GLU B 37 55.37 17.65 -3.61
C GLU B 37 54.77 17.00 -4.86
N GLY B 38 53.70 17.58 -5.41
CA GLY B 38 53.14 17.09 -6.67
C GLY B 38 54.20 16.97 -7.77
N LYS B 39 54.99 18.02 -7.94
CA LYS B 39 56.08 18.02 -8.93
C LYS B 39 57.09 16.90 -8.68
N GLU B 40 57.46 16.67 -7.42
CA GLU B 40 58.39 15.57 -7.13
C GLU B 40 57.80 14.20 -7.39
N LEU B 41 56.51 14.01 -7.08
CA LEU B 41 55.87 12.74 -7.37
C LEU B 41 55.83 12.47 -8.88
N LEU B 42 55.44 13.49 -9.65
CA LEU B 42 55.44 13.40 -11.10
C LEU B 42 56.83 13.05 -11.63
N ARG B 43 57.87 13.70 -11.09
CA ARG B 43 59.25 13.43 -11.52
C ARG B 43 59.61 11.96 -11.28
N GLY B 44 59.38 11.47 -10.06
CA GLY B 44 59.73 10.09 -9.73
C GLY B 44 58.99 9.07 -10.58
N LEU B 45 57.71 9.33 -10.80
CA LEU B 45 56.84 8.43 -11.57
C LEU B 45 57.25 8.38 -13.05
N GLN B 46 57.62 9.53 -13.60
CA GLN B 46 58.17 9.60 -14.96
C GLN B 46 59.49 8.85 -15.02
N ASP B 47 60.31 9.05 -13.98
CA ASP B 47 61.62 8.38 -13.90
C ASP B 47 61.48 6.86 -13.79
N ASP B 48 60.47 6.44 -13.05
CA ASP B 48 60.14 5.04 -12.89
C ASP B 48 59.58 4.41 -14.16
N GLY B 49 59.15 5.23 -15.12
CA GLY B 49 58.52 4.70 -16.35
C GLY B 49 57.03 4.43 -16.18
N VAL B 50 56.47 4.91 -15.06
CA VAL B 50 55.03 4.73 -14.81
C VAL B 50 54.24 5.78 -15.59
N LEU B 51 54.68 7.03 -15.51
CA LEU B 51 53.98 8.11 -16.19
C LEU B 51 54.72 8.62 -17.42
N HIS B 52 53.95 8.94 -18.47
CA HIS B 52 54.45 9.53 -19.69
C HIS B 52 53.78 10.89 -19.90
N PRO B 53 54.56 11.94 -20.23
CA PRO B 53 53.96 13.25 -20.39
C PRO B 53 53.09 13.29 -21.65
N LEU B 54 52.06 14.12 -21.62
CA LEU B 54 51.22 14.32 -22.80
C LEU B 54 51.32 15.78 -23.26
N PRO B 55 52.36 16.10 -24.06
CA PRO B 55 52.70 17.49 -24.38
C PRO B 55 51.66 18.26 -25.20
N LYS B 56 50.65 17.57 -25.72
CA LYS B 56 49.53 18.23 -26.42
C LYS B 56 48.74 19.06 -25.43
N TYR B 57 48.77 18.64 -24.15
CA TYR B 57 47.96 19.26 -23.12
C TYR B 57 48.80 19.97 -22.07
N ASP B 58 48.12 20.53 -21.08
CA ASP B 58 48.75 21.30 -20.01
C ASP B 58 48.92 20.41 -18.76
N ASN B 59 50.14 19.92 -18.52
CA ASN B 59 50.43 19.11 -17.32
C ASN B 59 49.55 17.85 -17.22
N CYS B 60 49.47 17.08 -18.30
CA CYS B 60 48.72 15.85 -18.29
C CYS B 60 49.68 14.69 -18.48
N TRP B 61 49.32 13.54 -17.90
CA TRP B 61 50.22 12.40 -17.87
C TRP B 61 49.45 11.10 -18.11
N LEU B 62 50.14 10.09 -18.64
CA LEU B 62 49.52 8.81 -18.96
C LEU B 62 50.28 7.66 -18.30
N ALA B 63 49.52 6.80 -17.61
CA ALA B 63 50.06 5.55 -17.08
C ALA B 63 49.46 4.36 -17.80
N ARG B 64 50.27 3.33 -17.99
CA ARG B 64 49.80 2.02 -18.45
C ARG B 64 50.03 0.99 -17.35
N THR B 65 49.02 0.18 -17.04
CA THR B 65 49.18 -0.80 -15.97
C THR B 65 49.45 -2.22 -16.50
N ASP B 66 49.90 -3.10 -15.60
CA ASP B 66 49.88 -4.56 -15.83
C ASP B 66 48.42 -4.91 -16.21
N PRO B 67 48.20 -5.62 -17.34
CA PRO B 67 46.83 -5.97 -17.76
C PRO B 67 46.06 -6.86 -16.78
N ARG B 68 46.73 -7.41 -15.77
CA ARG B 68 46.08 -8.17 -14.70
C ARG B 68 45.51 -7.23 -13.62
N ASP B 69 45.90 -5.96 -13.68
CA ASP B 69 45.50 -4.97 -12.67
C ASP B 69 44.83 -3.77 -13.35
N VAL B 70 43.55 -3.91 -13.70
CA VAL B 70 42.88 -2.93 -14.57
C VAL B 70 41.49 -2.48 -14.06
N ALA B 71 41.07 -3.05 -12.93
CA ALA B 71 39.75 -2.75 -12.37
C ALA B 71 39.63 -3.17 -10.91
N ARG B 72 38.62 -2.61 -10.22
CA ARG B 72 38.11 -3.16 -8.96
C ARG B 72 37.91 -4.66 -9.08
N VAL B 73 38.32 -5.42 -8.07
CA VAL B 73 38.11 -6.88 -8.05
C VAL B 73 37.10 -7.26 -6.98
N GLU B 74 35.84 -7.45 -7.39
CA GLU B 74 34.75 -7.77 -6.47
CA GLU B 74 34.77 -7.75 -6.46
C GLU B 74 34.95 -9.05 -5.67
N SER B 75 35.37 -10.12 -6.33
CA SER B 75 35.56 -11.42 -5.69
C SER B 75 36.58 -11.37 -4.54
N LYS B 76 37.52 -10.43 -4.61
CA LYS B 76 38.57 -10.31 -3.60
C LYS B 76 38.37 -9.12 -2.67
N THR B 77 37.15 -8.57 -2.65
CA THR B 77 36.77 -7.44 -1.82
C THR B 77 35.85 -7.96 -0.71
N VAL B 78 36.22 -7.72 0.55
CA VAL B 78 35.55 -8.40 1.67
C VAL B 78 35.13 -7.46 2.81
N LEU B 79 34.14 -7.90 3.58
CA LEU B 79 33.73 -7.24 4.80
C LEU B 79 34.10 -8.14 5.99
N VAL B 80 34.92 -7.61 6.90
CA VAL B 80 35.42 -8.38 8.05
C VAL B 80 34.69 -7.94 9.31
N THR B 81 33.82 -8.82 9.80
CA THR B 81 33.01 -8.57 10.99
C THR B 81 32.98 -9.86 11.80
N PRO B 82 32.90 -9.75 13.15
CA PRO B 82 32.78 -10.92 14.01
C PRO B 82 31.63 -11.87 13.64
N GLU B 83 30.51 -11.31 13.20
CA GLU B 83 29.32 -12.08 12.84
C GLU B 83 29.03 -11.88 11.36
N GLN B 84 28.77 -12.98 10.65
CA GLN B 84 28.47 -12.90 9.22
C GLN B 84 27.27 -11.99 8.93
N SER B 85 26.25 -12.07 9.79
CA SER B 85 25.01 -11.30 9.63
C SER B 85 25.18 -9.78 9.74
N ASP B 86 26.25 -9.31 10.41
CA ASP B 86 26.52 -7.87 10.46
C ASP B 86 26.98 -7.35 9.10
N ALA B 87 27.62 -8.21 8.32
CA ALA B 87 28.11 -7.83 7.00
C ALA B 87 27.10 -8.07 5.86
N VAL B 88 26.41 -9.22 5.89
CA VAL B 88 25.63 -9.68 4.73
C VAL B 88 24.39 -10.48 5.16
N PRO B 89 23.36 -10.55 4.28
CA PRO B 89 22.24 -11.43 4.56
C PRO B 89 22.66 -12.90 4.44
N PRO B 90 21.77 -13.85 4.77
CA PRO B 90 22.13 -15.26 4.62
C PRO B 90 22.51 -15.58 3.17
N PRO B 91 23.51 -16.46 2.98
CA PRO B 91 23.89 -16.84 1.60
C PRO B 91 22.71 -17.52 0.91
N PRO B 92 22.54 -17.29 -0.41
CA PRO B 92 21.35 -17.77 -1.11
C PRO B 92 21.08 -19.25 -0.86
N PRO B 93 19.90 -19.57 -0.29
CA PRO B 93 19.47 -20.93 0.05
C PRO B 93 19.57 -21.91 -1.13
N SER B 94 19.33 -21.41 -2.33
CA SER B 94 19.43 -22.23 -3.54
C SER B 94 20.88 -22.49 -3.98
N GLY B 95 21.84 -21.90 -3.27
CA GLY B 95 23.24 -22.22 -3.47
C GLY B 95 24.02 -21.24 -4.34
N GLY B 96 23.33 -20.23 -4.87
CA GLY B 96 23.98 -19.19 -5.69
C GLY B 96 25.04 -18.41 -4.92
N PRO B 97 26.04 -17.86 -5.63
CA PRO B 97 27.05 -17.06 -4.95
C PRO B 97 26.42 -15.78 -4.40
N PRO B 98 26.87 -15.31 -3.22
CA PRO B 98 26.29 -14.13 -2.62
C PRO B 98 26.52 -12.91 -3.50
N GLN B 99 25.52 -12.04 -3.62
CA GLN B 99 25.70 -10.87 -4.48
C GLN B 99 25.60 -9.51 -3.77
N LEU B 100 25.52 -9.51 -2.45
CA LEU B 100 25.38 -8.27 -1.68
C LEU B 100 26.59 -7.98 -0.78
N GLY B 101 27.71 -8.65 -1.06
CA GLY B 101 28.93 -8.48 -0.29
C GLY B 101 29.56 -9.81 0.08
N ASN B 102 30.88 -9.79 0.33
CA ASN B 102 31.61 -11.00 0.72
C ASN B 102 32.13 -10.90 2.15
N TRP B 103 31.59 -11.74 3.03
CA TRP B 103 32.04 -11.79 4.42
C TRP B 103 33.31 -12.61 4.55
N MET B 104 34.22 -12.13 5.38
CA MET B 104 35.42 -12.87 5.76
C MET B 104 35.54 -12.78 7.30
N SER B 105 35.81 -13.90 7.95
CA SER B 105 35.88 -13.92 9.42
C SER B 105 37.13 -13.18 9.90
N PRO B 106 37.08 -12.62 11.13
CA PRO B 106 38.27 -11.99 11.74
C PRO B 106 39.51 -12.89 11.73
N ASN B 107 39.34 -14.18 12.01
CA ASN B 107 40.46 -15.13 11.96
C ASN B 107 41.00 -15.37 10.56
N ALA B 108 40.10 -15.49 9.58
CA ALA B 108 40.49 -15.69 8.18
C ALA B 108 41.24 -14.47 7.66
N PHE B 109 40.76 -13.29 8.04
CA PHE B 109 41.39 -12.04 7.66
C PHE B 109 42.82 -11.93 8.24
N GLN B 110 42.98 -12.26 9.53
CA GLN B 110 44.31 -12.19 10.14
C GLN B 110 45.30 -13.14 9.49
N ALA B 111 44.82 -14.31 9.09
CA ALA B 111 45.64 -15.30 8.39
C ALA B 111 46.07 -14.79 7.01
N ALA B 112 45.15 -14.11 6.32
CA ALA B 112 45.39 -13.53 5.00
C ALA B 112 46.39 -12.38 5.05
N VAL B 113 46.21 -11.48 6.02
CA VAL B 113 47.15 -10.39 6.28
C VAL B 113 48.55 -10.95 6.55
N GLN B 114 48.63 -11.94 7.44
CA GLN B 114 49.90 -12.55 7.81
C GLN B 114 50.69 -13.17 6.66
N GLU B 115 50.00 -13.65 5.64
CA GLU B 115 50.71 -14.24 4.50
C GLU B 115 51.18 -13.20 3.48
N ARG B 116 50.64 -11.98 3.59
CA ARG B 116 50.81 -10.92 2.58
C ARG B 116 51.70 -9.75 3.01
N PHE B 117 51.38 -9.13 4.15
CA PHE B 117 51.97 -7.85 4.53
C PHE B 117 53.36 -7.87 5.18
N PRO B 118 53.69 -8.91 5.99
CA PRO B 118 55.06 -8.90 6.54
C PRO B 118 56.16 -8.68 5.50
N GLY B 119 56.89 -7.58 5.66
CA GLY B 119 58.00 -7.23 4.75
C GLY B 119 57.62 -6.79 3.34
N CYS B 120 56.33 -6.50 3.13
CA CYS B 120 55.82 -6.24 1.78
C CYS B 120 56.35 -4.95 1.16
N MET B 121 56.84 -4.02 2.00
CA MET B 121 57.41 -2.76 1.51
C MET B 121 58.95 -2.71 1.55
N ALA B 122 59.59 -3.85 1.76
CA ALA B 122 61.06 -3.89 1.83
C ALA B 122 61.68 -3.18 0.62
N GLY B 123 62.63 -2.28 0.87
CA GLY B 123 63.29 -1.53 -0.21
C GLY B 123 62.53 -0.32 -0.73
N ARG B 124 61.33 -0.08 -0.21
CA ARG B 124 60.44 0.95 -0.73
C ARG B 124 60.12 2.01 0.31
N PRO B 125 59.95 3.27 -0.11
CA PRO B 125 59.36 4.25 0.83
C PRO B 125 57.90 4.00 1.14
N LEU B 126 57.53 4.18 2.41
CA LEU B 126 56.14 4.18 2.81
C LEU B 126 55.69 5.64 2.85
N TYR B 127 54.59 5.95 2.17
CA TYR B 127 54.03 7.31 2.11
C TYR B 127 52.86 7.42 3.06
N VAL B 128 52.82 8.52 3.81
CA VAL B 128 51.75 8.76 4.78
C VAL B 128 50.87 9.90 4.25
N ILE B 129 49.60 9.61 3.96
CA ILE B 129 48.69 10.59 3.38
C ILE B 129 47.55 10.87 4.35
N PRO B 130 47.65 11.94 5.14
CA PRO B 130 46.46 12.34 5.88
C PRO B 130 45.47 12.98 4.90
N PHE B 131 44.19 12.64 4.99
CA PHE B 131 43.24 13.20 4.04
C PHE B 131 41.84 13.42 4.61
N SER B 132 41.10 14.31 3.96
CA SER B 132 39.72 14.59 4.34
C SER B 132 38.78 14.20 3.22
N MET B 133 37.69 13.54 3.58
CA MET B 133 36.60 13.31 2.66
C MET B 133 35.60 14.43 2.91
N GLY B 134 35.49 15.35 1.95
CA GLY B 134 34.70 16.58 2.14
C GLY B 134 35.61 17.73 2.52
N PRO B 135 35.12 18.98 2.39
CA PRO B 135 35.95 20.11 2.85
C PRO B 135 36.24 19.92 4.34
N PRO B 136 37.51 20.13 4.76
CA PRO B 136 37.91 19.75 6.13
C PRO B 136 37.03 20.35 7.23
N THR B 137 36.47 21.54 7.00
CA THR B 137 35.66 22.22 8.01
C THR B 137 34.19 21.84 7.99
N SER B 138 33.81 20.92 7.09
CA SER B 138 32.40 20.51 6.99
C SER B 138 31.97 19.68 8.20
N PRO B 139 30.78 19.97 8.77
CA PRO B 139 30.21 19.07 9.78
C PRO B 139 30.07 17.63 9.26
N LEU B 140 30.08 17.46 7.93
CA LEU B 140 29.92 16.15 7.31
C LEU B 140 31.24 15.47 6.92
N ALA B 141 32.35 16.20 6.98
CA ALA B 141 33.64 15.64 6.56
C ALA B 141 34.12 14.57 7.53
N LYS B 142 34.85 13.59 7.00
CA LYS B 142 35.49 12.56 7.83
C LYS B 142 36.94 12.46 7.40
N LEU B 143 37.83 12.18 8.36
CA LEU B 143 39.26 12.14 8.05
C LEU B 143 39.76 10.71 7.93
N GLY B 144 40.86 10.56 7.21
CA GLY B 144 41.53 9.29 7.04
C GLY B 144 43.03 9.50 7.01
N VAL B 145 43.76 8.42 7.27
CA VAL B 145 45.20 8.38 7.01
C VAL B 145 45.48 7.13 6.21
N GLN B 146 45.95 7.31 4.97
CA GLN B 146 46.33 6.18 4.14
C GLN B 146 47.85 6.05 4.06
N VAL B 147 48.36 4.87 4.41
CA VAL B 147 49.76 4.57 4.13
C VAL B 147 49.79 3.70 2.88
N THR B 148 50.78 3.94 2.03
CA THR B 148 50.94 3.22 0.77
C THR B 148 52.39 3.22 0.33
N ASP B 149 52.75 2.24 -0.50
CA ASP B 149 54.06 2.20 -1.14
C ASP B 149 54.00 2.57 -2.63
N SER B 150 52.90 3.19 -3.04
CA SER B 150 52.69 3.58 -4.43
C SER B 150 52.58 5.09 -4.61
N PRO B 151 53.58 5.71 -5.26
CA PRO B 151 53.49 7.14 -5.57
C PRO B 151 52.32 7.47 -6.49
N TYR B 152 51.91 6.52 -7.33
CA TYR B 152 50.77 6.71 -8.22
C TYR B 152 49.56 6.92 -7.34
N VAL B 153 49.43 6.11 -6.30
CA VAL B 153 48.31 6.26 -5.35
C VAL B 153 48.35 7.62 -4.68
N VAL B 154 49.53 8.04 -4.25
CA VAL B 154 49.69 9.33 -3.55
C VAL B 154 49.20 10.47 -4.43
N LEU B 155 49.70 10.50 -5.66
CA LEU B 155 49.37 11.54 -6.62
C LEU B 155 47.87 11.58 -6.87
N SER B 156 47.27 10.40 -7.08
CA SER B 156 45.83 10.36 -7.32
C SER B 156 44.98 10.72 -6.09
N MET B 157 45.48 10.38 -4.91
CA MET B 157 44.78 10.69 -3.67
C MET B 157 44.74 12.20 -3.42
N ARG B 158 45.82 12.90 -3.78
CA ARG B 158 45.88 14.36 -3.74
C ARG B 158 44.83 15.04 -4.61
N ILE B 159 44.53 14.44 -5.77
CA ILE B 159 43.52 14.93 -6.69
C ILE B 159 42.11 14.63 -6.16
N MET B 160 41.94 13.41 -5.63
CA MET B 160 40.62 12.88 -5.31
C MET B 160 40.10 13.22 -3.92
N THR B 161 41.01 13.63 -3.03
CA THR B 161 40.68 14.00 -1.67
C THR B 161 41.36 15.33 -1.33
N ARG B 162 41.11 15.82 -0.11
CA ARG B 162 41.84 16.95 0.46
C ARG B 162 43.07 16.48 1.23
N VAL B 163 44.26 16.89 0.78
CA VAL B 163 45.52 16.64 1.47
C VAL B 163 46.21 17.99 1.67
N GLY B 164 46.48 18.35 2.93
CA GLY B 164 47.10 19.63 3.21
C GLY B 164 47.06 20.06 4.67
N PRO B 165 47.61 21.25 4.96
CA PRO B 165 47.68 21.73 6.33
C PRO B 165 46.32 21.80 7.02
N ALA B 166 45.26 22.12 6.27
CA ALA B 166 43.93 22.25 6.84
C ALA B 166 43.40 20.91 7.35
N VAL B 167 43.86 19.82 6.73
CA VAL B 167 43.54 18.46 7.17
C VAL B 167 44.42 18.05 8.35
N LEU B 168 45.72 18.22 8.21
CA LEU B 168 46.69 17.79 9.23
C LEU B 168 46.47 18.44 10.60
N GLN B 169 45.91 19.65 10.60
CA GLN B 169 45.65 20.39 11.83
C GLN B 169 44.35 19.96 12.54
N ARG B 170 43.46 19.30 11.80
CA ARG B 170 42.18 18.82 12.34
C ARG B 170 42.26 17.38 12.86
N LEU B 171 43.36 16.72 12.54
CA LEU B 171 43.50 15.29 12.83
C LEU B 171 43.76 14.98 14.30
N ASP B 172 42.89 14.17 14.89
CA ASP B 172 43.10 13.60 16.23
C ASP B 172 42.96 12.08 16.11
N ASP B 173 42.36 11.42 17.11
CA ASP B 173 42.17 9.96 17.02
C ASP B 173 41.04 9.54 16.07
N ASP B 174 40.11 10.46 15.80
CA ASP B 174 38.97 10.16 14.95
C ASP B 174 39.35 10.18 13.47
N PHE B 175 39.77 9.02 12.96
CA PHE B 175 40.09 8.86 11.55
C PHE B 175 40.05 7.40 11.15
N VAL B 176 39.83 7.16 9.85
CA VAL B 176 39.86 5.81 9.31
C VAL B 176 41.28 5.43 8.94
N ARG B 177 41.76 4.34 9.52
CA ARG B 177 43.09 3.81 9.23
C ARG B 177 43.05 3.07 7.91
N CYS B 178 43.85 3.51 6.94
CA CYS B 178 43.86 2.89 5.61
C CYS B 178 45.26 2.37 5.27
N LEU B 179 45.36 1.06 5.16
CA LEU B 179 46.64 0.40 4.92
C LEU B 179 46.66 -0.18 3.50
N HIS B 180 47.65 0.20 2.71
CA HIS B 180 47.74 -0.23 1.32
C HIS B 180 49.16 -0.64 0.93
N SER B 181 49.29 -1.78 0.29
CA SER B 181 50.55 -2.13 -0.38
C SER B 181 50.30 -2.75 -1.75
N VAL B 182 51.14 -2.41 -2.72
CA VAL B 182 51.09 -3.05 -4.04
C VAL B 182 51.59 -4.50 -3.97
N GLY B 183 52.26 -4.86 -2.87
CA GLY B 183 52.67 -6.23 -2.61
C GLY B 183 53.82 -6.75 -3.45
N ARG B 184 54.79 -5.89 -3.76
CA ARG B 184 55.99 -6.29 -4.49
C ARG B 184 57.25 -5.79 -3.81
N PRO B 185 57.63 -6.41 -2.66
CA PRO B 185 58.84 -6.00 -1.96
C PRO B 185 60.07 -6.16 -2.84
N LEU B 186 61.09 -5.36 -2.56
CA LEU B 186 62.37 -5.46 -3.23
C LEU B 186 63.37 -6.30 -2.39
N PRO B 187 64.25 -7.08 -3.05
CA PRO B 187 64.40 -7.20 -4.50
C PRO B 187 63.28 -8.04 -5.11
N LEU B 188 62.89 -7.70 -6.34
CA LEU B 188 61.84 -8.40 -7.06
C LEU B 188 62.27 -9.81 -7.40
N THR B 189 61.36 -10.76 -7.21
CA THR B 189 61.63 -12.14 -7.61
C THR B 189 61.14 -12.41 -9.03
N GLU B 190 60.16 -11.63 -9.48
CA GLU B 190 59.70 -11.67 -10.86
C GLU B 190 59.67 -10.25 -11.44
N PRO B 191 59.97 -10.08 -12.74
CA PRO B 191 60.02 -8.73 -13.30
C PRO B 191 58.64 -8.09 -13.36
N LEU B 192 58.60 -6.76 -13.27
CA LEU B 192 57.37 -6.03 -13.42
C LEU B 192 56.90 -6.08 -14.87
N VAL B 193 55.58 -6.01 -15.04
CA VAL B 193 55.00 -5.80 -16.35
C VAL B 193 54.59 -4.34 -16.43
N SER B 194 54.95 -3.68 -17.53
CA SER B 194 54.59 -2.27 -17.76
C SER B 194 55.03 -1.35 -16.62
N SER B 195 56.16 -1.68 -15.98
CA SER B 195 56.69 -0.95 -14.83
C SER B 195 55.67 -0.79 -13.70
N TRP B 196 54.75 -1.74 -13.59
CA TRP B 196 53.58 -1.59 -12.72
C TRP B 196 53.52 -2.68 -11.64
N PRO B 197 53.93 -2.34 -10.40
CA PRO B 197 53.94 -3.37 -9.35
C PRO B 197 52.54 -3.71 -8.85
N CYS B 198 52.28 -5.01 -8.72
CA CYS B 198 51.00 -5.54 -8.25
C CYS B 198 51.18 -7.02 -7.93
N ASP B 199 50.26 -7.60 -7.17
CA ASP B 199 50.30 -9.04 -6.88
C ASP B 199 48.90 -9.60 -7.14
N PRO B 200 48.53 -9.77 -8.43
CA PRO B 200 47.14 -10.03 -8.83
C PRO B 200 46.50 -11.25 -8.18
N SER B 201 47.24 -12.35 -8.07
CA SER B 201 46.67 -13.58 -7.49
C SER B 201 46.36 -13.49 -5.99
N ARG B 202 46.93 -12.49 -5.31
CA ARG B 202 46.73 -12.34 -3.86
C ARG B 202 46.04 -11.04 -3.48
N VAL B 203 45.43 -10.37 -4.44
CA VAL B 203 44.66 -9.14 -4.16
C VAL B 203 43.65 -9.39 -3.02
N LEU B 204 43.55 -8.43 -2.10
CA LEU B 204 42.59 -8.47 -1.02
C LEU B 204 42.25 -7.04 -0.67
N VAL B 205 40.97 -6.72 -0.65
CA VAL B 205 40.51 -5.37 -0.32
C VAL B 205 39.48 -5.54 0.80
N ALA B 206 39.93 -5.26 2.03
CA ALA B 206 39.17 -5.64 3.22
C ALA B 206 38.67 -4.43 4.00
N HIS B 207 37.50 -4.58 4.60
CA HIS B 207 36.88 -3.48 5.32
C HIS B 207 36.54 -4.01 6.70
N ILE B 208 37.12 -3.38 7.72
CA ILE B 208 36.95 -3.77 9.11
C ILE B 208 36.28 -2.60 9.85
N PRO B 209 34.96 -2.45 9.69
CA PRO B 209 34.28 -1.26 10.23
C PRO B 209 34.44 -1.11 11.75
N SER B 210 34.47 -2.23 12.46
CA SER B 210 34.55 -2.21 13.92
C SER B 210 35.91 -1.70 14.41
N GLU B 211 36.88 -1.66 13.51
CA GLU B 211 38.21 -1.15 13.82
C GLU B 211 38.54 0.13 13.05
N ARG B 212 37.55 0.66 12.33
CA ARG B 212 37.70 1.88 11.53
C ARG B 212 38.87 1.70 10.57
N ARG B 213 38.90 0.57 9.87
CA ARG B 213 40.08 0.18 9.12
C ARG B 213 39.76 -0.32 7.73
N ILE B 214 40.61 0.04 6.78
CA ILE B 214 40.59 -0.55 5.44
C ILE B 214 41.99 -1.11 5.17
N VAL B 215 42.05 -2.36 4.73
CA VAL B 215 43.32 -3.01 4.41
C VAL B 215 43.27 -3.52 2.97
N SER B 216 44.19 -3.06 2.13
CA SER B 216 44.17 -3.37 0.70
C SER B 216 45.56 -3.77 0.23
N PHE B 217 45.64 -4.91 -0.46
CA PHE B 217 46.89 -5.52 -0.86
C PHE B 217 46.86 -5.97 -2.32
N GLY B 218 47.96 -5.71 -3.04
CA GLY B 218 48.20 -6.36 -4.34
C GLY B 218 47.74 -5.65 -5.61
N SER B 219 47.03 -4.54 -5.46
CA SER B 219 46.59 -3.75 -6.61
C SER B 219 46.97 -2.28 -6.49
N GLY B 220 47.33 -1.66 -7.61
CA GLY B 220 47.58 -0.23 -7.63
C GLY B 220 46.43 0.53 -8.25
N TYR B 221 45.35 -0.18 -8.60
CA TYR B 221 44.32 0.38 -9.47
C TYR B 221 43.14 1.00 -8.73
N GLY B 222 42.84 2.23 -9.10
CA GLY B 222 41.56 2.88 -8.83
C GLY B 222 40.84 2.47 -7.58
N GLY B 223 39.71 1.79 -7.74
CA GLY B 223 38.83 1.45 -6.62
C GLY B 223 39.47 0.55 -5.60
N ASN B 224 40.55 -0.16 -5.97
CA ASN B 224 41.25 -1.03 -5.03
C ASN B 224 42.26 -0.25 -4.17
N SER B 225 42.82 0.81 -4.73
CA SER B 225 44.01 1.42 -4.16
C SER B 225 43.81 2.84 -3.65
N LEU B 226 42.87 3.56 -4.27
CA LEU B 226 42.54 4.90 -3.80
C LEU B 226 41.44 4.68 -2.78
N LEU B 227 41.86 4.61 -1.51
CA LEU B 227 41.02 4.04 -0.47
C LEU B 227 39.88 4.96 -0.06
N GLY B 228 39.98 6.23 -0.41
CA GLY B 228 38.88 7.17 -0.19
C GLY B 228 37.68 6.90 -1.10
N LYS B 229 37.96 6.50 -2.34
CA LYS B 229 36.99 6.45 -3.46
C LYS B 229 35.73 5.59 -3.18
N LYS B 230 35.92 4.31 -2.90
CA LYS B 230 34.80 3.39 -2.63
C LYS B 230 34.90 2.75 -1.26
N CYS B 231 36.11 2.33 -0.88
CA CYS B 231 36.32 1.64 0.38
C CYS B 231 35.85 2.49 1.57
N PHE B 232 36.34 3.73 1.62
CA PHE B 232 35.97 4.68 2.67
C PHE B 232 34.61 5.27 2.31
N ALA B 233 34.53 5.95 1.17
CA ALA B 233 33.36 6.78 0.85
C ALA B 233 32.04 6.00 0.81
N LEU B 234 32.08 4.71 0.50
CA LEU B 234 30.85 3.92 0.52
C LEU B 234 30.79 2.82 1.57
N ARG B 235 31.78 1.92 1.61
CA ARG B 235 31.67 0.76 2.50
C ARG B 235 31.76 1.13 3.99
N ILE B 236 32.88 1.74 4.38
CA ILE B 236 33.08 2.17 5.76
C ILE B 236 32.09 3.27 6.13
N ALA B 237 31.93 4.27 5.26
CA ALA B 237 31.02 5.39 5.54
C ALA B 237 29.56 4.96 5.69
N SER B 238 29.10 3.99 4.91
CA SER B 238 27.68 3.59 5.00
C SER B 238 27.35 3.00 6.39
N ARG B 239 28.30 2.26 6.95
CA ARG B 239 28.18 1.73 8.31
C ARG B 239 28.17 2.86 9.35
N MET B 240 29.12 3.79 9.22
CA MET B 240 29.15 4.99 10.09
C MET B 240 27.80 5.70 10.04
N ALA B 241 27.32 5.93 8.83
CA ALA B 241 26.05 6.61 8.56
C ALA B 241 24.85 5.94 9.24
N GLN B 242 24.82 4.61 9.19
CA GLN B 242 23.78 3.82 9.85
C GLN B 242 23.84 3.97 11.38
N GLN B 243 25.06 4.07 11.90
CA GLN B 243 25.27 4.19 13.35
CA GLN B 243 25.29 4.20 13.35
C GLN B 243 25.05 5.63 13.83
N GLN B 244 25.28 6.59 12.94
CA GLN B 244 25.33 8.01 13.34
C GLN B 244 24.20 8.88 12.77
N GLY B 245 23.26 8.26 12.05
CA GLY B 245 22.07 8.98 11.57
C GLY B 245 22.28 9.86 10.35
N TRP B 246 23.07 9.39 9.40
CA TRP B 246 23.18 10.06 8.10
C TRP B 246 23.19 9.03 6.99
N LEU B 247 23.54 9.45 5.77
CA LEU B 247 23.53 8.56 4.63
C LEU B 247 24.78 8.75 3.77
N ALA B 248 25.41 7.64 3.39
CA ALA B 248 26.55 7.64 2.49
C ALA B 248 26.18 6.84 1.25
N GLU B 249 26.05 7.52 0.12
CA GLU B 249 25.36 6.98 -1.04
C GLU B 249 26.16 7.10 -2.33
N HIS B 250 25.93 6.16 -3.25
CA HIS B 250 26.53 6.16 -4.57
C HIS B 250 25.63 7.02 -5.47
N MET B 251 25.72 8.33 -5.28
CA MET B 251 24.82 9.27 -5.95
C MET B 251 25.58 10.47 -6.46
N LEU B 252 25.27 10.86 -7.70
CA LEU B 252 25.71 12.16 -8.21
C LEU B 252 24.88 13.22 -7.51
N ILE B 253 25.35 14.46 -7.52
CA ILE B 253 24.58 15.57 -6.94
C ILE B 253 24.61 16.67 -7.99
N LEU B 254 23.45 17.18 -8.37
CA LEU B 254 23.44 18.31 -9.29
C LEU B 254 22.53 19.45 -8.86
N GLY B 255 22.85 20.64 -9.34
CA GLY B 255 22.00 21.83 -9.20
C GLY B 255 21.25 22.09 -10.49
N VAL B 256 19.94 22.28 -10.37
CA VAL B 256 19.09 22.60 -11.51
C VAL B 256 18.54 24.01 -11.32
N THR B 257 18.76 24.88 -12.29
CA THR B 257 18.21 26.23 -12.22
C THR B 257 17.16 26.44 -13.30
N SER B 258 15.97 26.84 -12.88
CA SER B 258 14.89 27.17 -13.82
C SER B 258 15.14 28.52 -14.49
N PRO B 259 14.47 28.82 -15.63
CA PRO B 259 14.56 30.13 -16.28
C PRO B 259 14.32 31.34 -15.36
N SER B 260 13.58 31.14 -14.28
CA SER B 260 13.31 32.21 -13.32
C SER B 260 14.48 32.43 -12.37
N GLY B 261 15.46 31.53 -12.39
CA GLY B 261 16.62 31.66 -11.52
C GLY B 261 16.57 30.84 -10.24
N GLU B 262 15.44 30.19 -9.97
CA GLU B 262 15.31 29.35 -8.78
C GLU B 262 16.18 28.08 -8.94
N LYS B 263 16.96 27.76 -7.91
CA LYS B 263 17.83 26.58 -7.98
C LYS B 263 17.41 25.50 -6.99
N ARG B 264 17.36 24.26 -7.45
CA ARG B 264 17.05 23.12 -6.57
C ARG B 264 18.10 22.06 -6.79
N TYR B 265 18.55 21.41 -5.72
CA TYR B 265 19.54 20.35 -5.86
C TYR B 265 18.88 18.99 -5.82
N MET B 266 19.45 18.06 -6.57
CA MET B 266 18.94 16.70 -6.70
C MET B 266 20.10 15.72 -6.62
N ALA B 267 19.86 14.58 -6.00
CA ALA B 267 20.82 13.46 -6.00
C ALA B 267 20.25 12.30 -6.82
N ALA B 268 21.13 11.57 -7.51
CA ALA B 268 20.69 10.46 -8.37
C ALA B 268 21.61 9.25 -8.29
N ALA B 269 21.03 8.08 -8.05
CA ALA B 269 21.80 6.83 -8.01
C ALA B 269 21.57 6.04 -9.29
N PHE B 270 22.65 5.81 -10.04
CA PHE B 270 22.59 5.10 -11.31
C PHE B 270 23.53 3.90 -11.28
N PRO B 271 23.06 2.72 -11.70
CA PRO B 271 24.02 1.63 -11.89
C PRO B 271 24.90 1.90 -13.12
N SER B 272 25.92 1.09 -13.33
CA SER B 272 26.86 1.34 -14.42
C SER B 272 26.17 1.30 -15.79
N ALA B 273 26.75 2.01 -16.77
CA ALA B 273 26.26 2.04 -18.16
C ALA B 273 24.88 2.71 -18.32
N CYS B 274 24.60 3.66 -17.43
CA CYS B 274 23.36 4.43 -17.43
C CYS B 274 23.57 5.92 -17.74
N GLY B 275 24.83 6.32 -17.90
CA GLY B 275 25.15 7.70 -18.25
C GLY B 275 25.10 8.62 -17.05
N LYS B 276 25.66 8.16 -15.93
CA LYS B 276 25.70 8.92 -14.68
C LYS B 276 26.50 10.22 -14.83
N THR B 277 27.73 10.11 -15.32
CA THR B 277 28.62 11.27 -15.49
C THR B 277 28.03 12.25 -16.53
N ASN B 278 27.39 11.69 -17.54
CA ASN B 278 26.74 12.46 -18.60
C ASN B 278 25.62 13.33 -18.02
N LEU B 279 24.87 12.75 -17.08
CA LEU B 279 23.81 13.49 -16.40
C LEU B 279 24.39 14.57 -15.48
N ALA B 280 25.42 14.19 -14.72
CA ALA B 280 26.01 15.08 -13.71
C ALA B 280 26.65 16.34 -14.32
N MET B 281 27.13 16.26 -15.55
CA MET B 281 27.63 17.46 -16.23
C MET B 281 27.01 17.71 -17.60
N MET B 282 25.70 17.48 -17.70
CA MET B 282 24.99 17.66 -18.96
C MET B 282 24.85 19.13 -19.34
N THR B 283 24.87 19.37 -20.64
CA THR B 283 24.44 20.63 -21.19
C THR B 283 22.97 20.43 -21.57
N PRO B 284 22.05 21.11 -20.87
CA PRO B 284 20.63 20.85 -21.10
C PRO B 284 20.17 21.32 -22.48
N SER B 285 19.14 20.66 -23.02
CA SER B 285 18.57 21.05 -24.29
C SER B 285 17.17 21.64 -24.11
N LEU B 286 17.05 22.49 -23.09
CA LEU B 286 15.84 23.26 -22.83
C LEU B 286 16.24 24.71 -22.56
N PRO B 287 15.86 25.64 -23.45
CA PRO B 287 16.26 27.03 -23.27
C PRO B 287 15.92 27.56 -21.88
N GLY B 288 16.89 28.19 -21.22
CA GLY B 288 16.66 28.85 -19.96
C GLY B 288 17.00 28.05 -18.72
N TRP B 289 17.11 26.73 -18.87
CA TRP B 289 17.45 25.87 -17.75
C TRP B 289 18.95 25.64 -17.67
N ARG B 290 19.50 25.63 -16.46
CA ARG B 290 20.92 25.41 -16.27
C ARG B 290 21.17 24.23 -15.35
N ILE B 291 22.28 23.54 -15.60
CA ILE B 291 22.72 22.43 -14.77
C ILE B 291 24.12 22.74 -14.27
N HIS B 292 24.33 22.60 -12.96
CA HIS B 292 25.68 22.63 -12.38
C HIS B 292 25.96 21.33 -11.65
N CYS B 293 27.24 20.96 -11.61
CA CYS B 293 27.69 19.72 -10.99
C CYS B 293 28.17 19.97 -9.56
N VAL B 294 27.63 19.22 -8.60
CA VAL B 294 28.18 19.21 -7.24
C VAL B 294 29.12 17.99 -7.08
N GLY B 295 28.65 16.82 -7.52
CA GLY B 295 29.46 15.62 -7.58
C GLY B 295 28.91 14.64 -8.62
N ASP B 296 29.75 13.70 -9.04
CA ASP B 296 29.30 12.70 -10.03
C ASP B 296 29.42 11.26 -9.58
N ASP B 297 29.59 11.02 -8.27
CA ASP B 297 29.79 9.64 -7.81
C ASP B 297 29.25 9.33 -6.40
N ILE B 298 29.67 10.12 -5.41
CA ILE B 298 29.32 9.85 -3.99
C ILE B 298 28.61 11.05 -3.38
N ALA B 299 27.57 10.79 -2.59
CA ALA B 299 26.91 11.85 -1.82
C ALA B 299 26.87 11.41 -0.36
N TRP B 300 27.24 12.33 0.54
CA TRP B 300 27.07 12.14 1.95
C TRP B 300 26.00 13.12 2.38
N MET B 301 24.95 12.62 3.00
CA MET B 301 23.78 13.45 3.31
C MET B 301 23.35 13.31 4.77
N LYS B 302 22.87 14.41 5.35
CA LYS B 302 22.53 14.48 6.76
C LYS B 302 21.45 15.54 6.91
N PHE B 303 20.39 15.25 7.67
CA PHE B 303 19.34 16.25 7.92
C PHE B 303 19.89 17.31 8.85
N ASP B 304 19.63 18.59 8.55
CA ASP B 304 20.14 19.67 9.38
C ASP B 304 19.13 20.12 10.43
N ASP B 305 19.47 21.19 11.15
CA ASP B 305 18.61 21.77 12.18
C ASP B 305 17.21 22.13 11.68
N GLU B 306 17.11 22.54 10.43
CA GLU B 306 15.85 22.96 9.82
C GLU B 306 15.07 21.81 9.18
N GLY B 307 15.57 20.59 9.32
CA GLY B 307 14.94 19.42 8.71
C GLY B 307 15.25 19.22 7.23
N ARG B 308 16.20 19.98 6.70
CA ARG B 308 16.57 19.88 5.28
C ARG B 308 17.69 18.86 5.11
N LEU B 309 17.59 18.02 4.09
CA LEU B 309 18.63 17.04 3.80
C LEU B 309 19.80 17.71 3.10
N ARG B 310 20.92 17.84 3.81
CA ARG B 310 22.10 18.51 3.26
C ARG B 310 23.05 17.49 2.70
N ALA B 311 23.60 17.76 1.53
CA ALA B 311 24.54 16.83 0.93
C ALA B 311 25.86 17.49 0.64
N ILE B 312 26.94 16.77 0.88
CA ILE B 312 28.24 17.16 0.33
C ILE B 312 28.77 16.08 -0.60
N ASN B 313 29.63 16.51 -1.52
CA ASN B 313 30.45 15.61 -2.30
C ASN B 313 31.74 15.42 -1.47
N PRO B 314 31.97 14.21 -0.93
CA PRO B 314 33.17 13.94 -0.12
C PRO B 314 34.49 13.81 -0.92
N GLU B 315 34.41 13.92 -2.24
CA GLU B 315 35.58 13.84 -3.10
C GLU B 315 35.97 15.20 -3.64
N ARG B 316 37.19 15.31 -4.16
CA ARG B 316 37.75 16.56 -4.68
C ARG B 316 38.06 16.50 -6.17
N GLY B 317 37.83 15.34 -6.77
CA GLY B 317 38.18 15.11 -8.16
C GLY B 317 37.26 14.12 -8.81
N PHE B 318 37.45 13.92 -10.12
CA PHE B 318 36.69 12.94 -10.89
C PHE B 318 37.61 11.80 -11.29
N PHE B 319 37.12 10.57 -11.15
CA PHE B 319 37.84 9.39 -11.58
C PHE B 319 36.91 8.66 -12.53
N GLY B 320 36.93 9.09 -13.79
CA GLY B 320 35.88 8.71 -14.73
C GLY B 320 36.38 7.80 -15.82
N VAL B 321 35.49 6.95 -16.30
CA VAL B 321 35.76 6.04 -17.42
C VAL B 321 35.99 6.93 -18.63
N ALA B 322 37.10 6.71 -19.32
CA ALA B 322 37.45 7.57 -20.43
C ALA B 322 36.71 7.20 -21.70
N PRO B 323 36.74 5.91 -22.12
CA PRO B 323 36.10 5.62 -23.41
C PRO B 323 34.65 6.07 -23.48
N GLY B 324 34.27 6.58 -24.66
CA GLY B 324 32.94 7.14 -24.86
C GLY B 324 32.89 8.65 -24.69
N THR B 325 33.84 9.21 -23.94
CA THR B 325 33.90 10.65 -23.70
C THR B 325 34.26 11.37 -25.00
N SER B 326 33.40 12.32 -25.39
CA SER B 326 33.61 13.14 -26.58
C SER B 326 32.97 14.51 -26.39
N SER B 327 33.20 15.42 -27.34
CA SER B 327 32.53 16.72 -27.33
C SER B 327 31.02 16.58 -27.55
N ARG B 328 30.61 15.43 -28.08
CA ARG B 328 29.20 15.16 -28.37
C ARG B 328 28.47 14.61 -27.14
N THR B 329 29.11 13.69 -26.42
CA THR B 329 28.52 13.10 -25.23
C THR B 329 28.77 13.93 -23.96
N ASN B 330 29.92 14.60 -23.89
CA ASN B 330 30.31 15.31 -22.67
C ASN B 330 31.38 16.39 -22.86
N PRO B 331 31.00 17.55 -23.44
CA PRO B 331 31.96 18.63 -23.65
C PRO B 331 32.51 19.21 -22.34
N ASN B 332 31.72 19.14 -21.26
CA ASN B 332 32.18 19.60 -19.96
C ASN B 332 33.29 18.72 -19.36
N ALA B 333 33.20 17.42 -19.58
CA ALA B 333 34.28 16.52 -19.17
C ALA B 333 35.51 16.80 -20.02
N MET B 334 35.29 17.03 -21.32
CA MET B 334 36.38 17.38 -22.23
C MET B 334 37.18 18.59 -21.74
N ALA B 335 36.48 19.60 -21.23
CA ALA B 335 37.11 20.81 -20.70
C ALA B 335 37.89 20.54 -19.41
N THR B 336 37.33 19.68 -18.56
CA THR B 336 37.91 19.32 -17.27
C THR B 336 39.26 18.61 -17.44
N ILE B 337 39.34 17.71 -18.40
CA ILE B 337 40.46 16.76 -18.51
C ILE B 337 41.61 17.25 -19.38
N ALA B 338 41.56 18.51 -19.79
CA ALA B 338 42.53 19.07 -20.73
C ALA B 338 43.76 19.61 -20.02
N ARG B 339 43.72 19.58 -18.69
CA ARG B 339 44.84 20.01 -17.89
CA ARG B 339 44.73 20.17 -17.82
C ARG B 339 44.88 19.34 -16.54
N ASN B 340 46.09 19.17 -16.03
CA ASN B 340 46.36 18.60 -14.70
C ASN B 340 45.68 17.26 -14.43
N THR B 341 45.58 16.44 -15.48
CA THR B 341 44.85 15.20 -15.44
C THR B 341 45.81 14.03 -15.67
N ILE B 342 45.58 12.97 -14.90
CA ILE B 342 46.29 11.70 -15.04
C ILE B 342 45.38 10.73 -15.75
N PHE B 343 45.85 10.16 -16.85
CA PHE B 343 45.07 9.18 -17.61
C PHE B 343 45.67 7.80 -17.40
N THR B 344 44.81 6.79 -17.24
CA THR B 344 45.29 5.44 -17.01
C THR B 344 44.71 4.50 -18.06
N ASN B 345 45.60 3.82 -18.79
CA ASN B 345 45.23 2.79 -19.77
C ASN B 345 44.48 3.29 -21.01
N VAL B 346 44.71 4.54 -21.39
CA VAL B 346 44.18 5.04 -22.66
C VAL B 346 45.29 4.94 -23.70
N GLY B 347 44.98 5.26 -24.95
CA GLY B 347 45.96 5.21 -26.04
C GLY B 347 46.81 6.47 -26.06
N LEU B 348 47.96 6.39 -26.71
CA LEU B 348 48.85 7.52 -26.83
C LEU B 348 49.06 7.88 -28.29
N ARG B 349 48.74 9.12 -28.65
CA ARG B 349 48.92 9.57 -30.03
C ARG B 349 50.33 10.09 -30.28
N SER B 350 50.77 10.03 -31.54
CA SER B 350 52.09 10.54 -31.94
C SER B 350 52.20 12.07 -31.84
N ASP B 351 51.07 12.76 -31.66
CA ASP B 351 51.09 14.22 -31.51
C ASP B 351 51.10 14.64 -30.04
N GLY B 352 51.32 13.68 -29.14
CA GLY B 352 51.38 13.96 -27.71
C GLY B 352 50.03 14.00 -27.01
N GLY B 353 48.96 13.65 -27.72
CA GLY B 353 47.63 13.59 -27.12
C GLY B 353 47.23 12.18 -26.72
N VAL B 354 45.98 12.03 -26.31
CA VAL B 354 45.47 10.72 -25.92
C VAL B 354 44.47 10.21 -26.93
N TYR B 355 44.14 8.93 -26.85
CA TYR B 355 43.07 8.38 -27.68
C TYR B 355 42.27 7.26 -26.99
N TRP B 356 40.96 7.27 -27.27
CA TRP B 356 40.08 6.18 -26.91
C TRP B 356 38.94 6.18 -27.92
N ASP B 357 38.23 5.06 -28.00
CA ASP B 357 37.10 4.95 -28.90
C ASP B 357 36.10 6.08 -28.62
N GLY B 358 35.78 6.82 -29.68
CA GLY B 358 34.78 7.87 -29.61
C GLY B 358 35.34 9.26 -29.44
N LEU B 359 36.64 9.36 -29.12
CA LEU B 359 37.26 10.67 -28.94
C LEU B 359 37.30 11.45 -30.24
N ASP B 360 36.70 12.64 -30.22
CA ASP B 360 36.56 13.48 -31.42
C ASP B 360 37.41 14.76 -31.40
N GLU B 361 38.53 14.73 -30.67
CA GLU B 361 39.49 15.83 -30.68
C GLU B 361 40.19 15.88 -32.05
N PRO B 362 40.19 17.06 -32.72
CA PRO B 362 40.86 17.22 -34.01
C PRO B 362 42.33 16.82 -33.94
N THR B 363 42.76 16.03 -34.92
CA THR B 363 44.17 15.64 -35.04
C THR B 363 44.61 15.83 -36.48
N GLU B 364 45.91 16.11 -36.67
CA GLU B 364 46.48 16.37 -37.98
C GLU B 364 46.73 15.06 -38.75
N PRO B 365 46.68 15.10 -40.10
CA PRO B 365 46.94 13.89 -40.91
C PRO B 365 48.32 13.24 -40.65
N GLY B 366 48.31 11.90 -40.73
CA GLY B 366 49.53 11.12 -40.48
C GLY B 366 49.85 10.87 -39.02
N VAL B 367 48.89 11.13 -38.12
CA VAL B 367 49.03 10.83 -36.69
C VAL B 367 48.84 9.34 -36.43
N THR B 368 49.69 8.76 -35.56
CA THR B 368 49.65 7.33 -35.24
C THR B 368 49.38 7.07 -33.75
N TYR B 369 49.01 5.83 -33.42
CA TYR B 369 48.60 5.50 -32.05
C TYR B 369 49.43 4.38 -31.41
N THR B 370 49.57 4.47 -30.09
CA THR B 370 50.09 3.38 -29.27
C THR B 370 48.99 2.96 -28.30
N SER B 371 48.62 1.68 -28.33
CA SER B 371 47.58 1.17 -27.44
C SER B 371 48.06 1.20 -25.98
N TRP B 372 47.12 1.02 -25.05
CA TRP B 372 47.43 0.91 -23.62
C TRP B 372 48.32 -0.30 -23.29
N LEU B 373 48.50 -1.19 -24.26
CA LEU B 373 49.35 -2.36 -24.13
C LEU B 373 50.75 -2.10 -24.69
N GLY B 374 51.02 -0.86 -25.08
CA GLY B 374 52.33 -0.46 -25.57
C GLY B 374 52.64 -0.80 -27.01
N LYS B 375 51.61 -1.16 -27.78
CA LYS B 375 51.79 -1.63 -29.16
C LYS B 375 51.24 -0.66 -30.21
N PRO B 376 51.89 -0.58 -31.38
CA PRO B 376 51.30 0.23 -32.46
C PRO B 376 49.85 -0.19 -32.73
N TRP B 377 48.98 0.79 -32.91
CA TRP B 377 47.56 0.54 -33.06
C TRP B 377 46.97 1.40 -34.17
N LYS B 378 46.04 0.84 -34.93
CA LYS B 378 45.29 1.58 -35.95
C LYS B 378 43.81 1.21 -35.94
N HIS B 379 42.96 2.14 -36.38
CA HIS B 379 41.51 1.92 -36.47
C HIS B 379 41.20 0.63 -37.22
N GLY B 380 40.33 -0.20 -36.64
CA GLY B 380 39.95 -1.46 -37.25
C GLY B 380 40.68 -2.69 -36.71
N ASP B 381 41.58 -2.48 -35.75
CA ASP B 381 42.25 -3.58 -35.06
C ASP B 381 41.26 -4.29 -34.13
N PRO B 382 41.41 -5.62 -33.97
CA PRO B 382 40.48 -6.42 -33.14
C PRO B 382 40.54 -6.09 -31.65
N GLU B 383 41.48 -5.23 -31.29
CA GLU B 383 41.69 -4.84 -29.91
C GLU B 383 41.47 -3.33 -29.82
N PRO B 384 40.68 -2.87 -28.81
CA PRO B 384 40.51 -1.43 -28.63
C PRO B 384 41.82 -0.75 -28.23
N CYS B 385 41.96 0.51 -28.62
CA CYS B 385 43.15 1.26 -28.30
C CYS B 385 43.31 1.46 -26.81
N ALA B 386 42.20 1.75 -26.13
CA ALA B 386 42.18 1.97 -24.70
C ALA B 386 41.46 0.81 -24.03
N HIS B 387 41.86 0.48 -22.81
CA HIS B 387 41.11 -0.49 -22.02
C HIS B 387 39.71 0.06 -21.75
N PRO B 388 38.69 -0.81 -21.83
CA PRO B 388 37.31 -0.35 -21.56
C PRO B 388 37.09 0.30 -20.20
N ASN B 389 37.95 -0.02 -19.22
CA ASN B 389 37.83 0.60 -17.89
C ASN B 389 38.86 1.70 -17.66
N SER B 390 39.49 2.17 -18.74
CA SER B 390 40.52 3.22 -18.63
C SER B 390 39.90 4.50 -18.05
N ARG B 391 40.72 5.35 -17.44
CA ARG B 391 40.23 6.42 -16.57
C ARG B 391 40.91 7.76 -16.84
N PHE B 392 40.18 8.84 -16.57
CA PHE B 392 40.84 10.12 -16.32
C PHE B 392 40.73 10.38 -14.82
N CYS B 393 41.75 11.02 -14.27
CA CYS B 393 41.69 11.46 -12.89
C CYS B 393 42.00 12.95 -12.87
N ALA B 394 40.97 13.76 -12.60
CA ALA B 394 41.07 15.22 -12.76
C ALA B 394 40.47 15.99 -11.58
N PRO B 395 41.09 17.13 -11.23
CA PRO B 395 40.56 18.03 -10.21
C PRO B 395 39.19 18.52 -10.59
N ALA B 396 38.22 18.39 -9.68
CA ALA B 396 36.84 18.81 -9.94
C ALA B 396 36.71 20.31 -10.21
N ASP B 397 37.61 21.09 -9.61
CA ASP B 397 37.61 22.55 -9.73
C ASP B 397 37.94 23.02 -11.14
N GLN B 398 38.30 22.08 -12.01
CA GLN B 398 38.54 22.39 -13.41
C GLN B 398 37.31 22.22 -14.30
N CYS B 399 36.23 21.68 -13.75
CA CYS B 399 35.02 21.48 -14.54
C CYS B 399 34.31 22.84 -14.67
N PRO B 400 34.05 23.28 -15.91
CA PRO B 400 33.43 24.61 -16.11
C PRO B 400 32.03 24.78 -15.52
N ILE B 401 31.34 23.68 -15.24
CA ILE B 401 29.99 23.79 -14.67
C ILE B 401 29.88 23.34 -13.21
N MET B 402 31.00 23.32 -12.49
CA MET B 402 30.94 23.06 -11.05
C MET B 402 30.03 24.08 -10.40
N ASP B 403 29.17 23.61 -9.51
CA ASP B 403 28.23 24.46 -8.79
C ASP B 403 29.05 25.36 -7.86
N PRO B 404 28.63 26.64 -7.69
CA PRO B 404 29.37 27.53 -6.79
C PRO B 404 29.51 26.94 -5.39
N ARG B 405 28.56 26.09 -5.00
CA ARG B 405 28.56 25.46 -3.68
C ARG B 405 29.10 24.01 -3.66
N TRP B 406 29.78 23.59 -4.72
CA TRP B 406 30.24 22.18 -4.81
C TRP B 406 31.17 21.76 -3.67
N ASP B 407 31.88 22.72 -3.09
CA ASP B 407 32.76 22.47 -1.95
C ASP B 407 32.41 23.38 -0.76
N ASP B 408 31.14 23.77 -0.71
CA ASP B 408 30.61 24.51 0.44
C ASP B 408 30.47 23.52 1.61
N PRO B 409 31.17 23.79 2.73
CA PRO B 409 31.18 22.86 3.86
C PRO B 409 29.80 22.65 4.49
N GLU B 410 28.86 23.55 4.24
CA GLU B 410 27.52 23.47 4.79
C GLU B 410 26.68 22.41 4.06
N GLY B 411 27.07 22.08 2.84
CA GLY B 411 26.31 21.13 2.03
C GLY B 411 25.14 21.78 1.31
N VAL B 412 24.62 21.12 0.29
CA VAL B 412 23.50 21.63 -0.48
C VAL B 412 22.18 20.94 -0.10
N PRO B 413 21.06 21.70 -0.06
CA PRO B 413 19.77 21.12 0.33
C PRO B 413 19.17 20.27 -0.78
N ILE B 414 18.93 18.98 -0.48
CA ILE B 414 18.43 18.02 -1.48
C ILE B 414 16.90 17.92 -1.49
N ASP B 415 16.30 18.18 -2.65
CA ASP B 415 14.84 18.19 -2.74
C ASP B 415 14.28 17.05 -3.57
N ALA B 416 15.17 16.34 -4.29
CA ALA B 416 14.76 15.15 -5.00
C ALA B 416 15.87 14.12 -4.98
N ILE B 417 15.48 12.85 -4.85
CA ILE B 417 16.42 11.74 -5.04
C ILE B 417 15.89 10.90 -6.18
N ILE B 418 16.76 10.61 -7.15
CA ILE B 418 16.38 9.95 -8.37
C ILE B 418 17.13 8.63 -8.50
N PHE B 419 16.37 7.56 -8.73
CA PHE B 419 16.93 6.25 -9.03
C PHE B 419 16.87 6.01 -10.53
N GLY B 420 17.91 5.39 -11.08
CA GLY B 420 17.99 5.18 -12.53
C GLY B 420 18.19 3.74 -12.93
N GLY B 421 17.65 3.37 -14.08
CA GLY B 421 17.83 2.03 -14.58
C GLY B 421 17.94 2.06 -16.08
N ARG B 422 18.23 0.90 -16.65
CA ARG B 422 18.34 0.79 -18.07
C ARG B 422 17.51 -0.42 -18.46
N ARG B 423 16.32 -0.14 -19.01
CA ARG B 423 15.38 -1.18 -19.35
C ARG B 423 14.82 -0.94 -20.74
N PRO B 424 14.91 -1.96 -21.62
CA PRO B 424 14.36 -1.86 -22.96
C PRO B 424 12.84 -1.74 -23.02
N ARG B 425 12.13 -2.26 -22.02
CA ARG B 425 10.67 -2.22 -22.03
C ARG B 425 10.07 -2.07 -20.62
N GLY B 426 8.79 -1.69 -20.57
CA GLY B 426 8.04 -1.75 -19.33
C GLY B 426 8.20 -0.59 -18.36
N VAL B 427 9.44 -0.18 -18.10
CA VAL B 427 9.70 0.87 -17.11
C VAL B 427 9.66 2.26 -17.76
N PRO B 428 8.67 3.09 -17.35
CA PRO B 428 8.47 4.40 -17.95
C PRO B 428 9.68 5.33 -17.79
N LEU B 429 9.74 6.33 -18.67
CA LEU B 429 10.77 7.36 -18.65
C LEU B 429 11.01 7.95 -17.25
N VAL B 430 9.92 8.27 -16.55
CA VAL B 430 9.99 8.85 -15.22
C VAL B 430 8.71 8.53 -14.42
N VAL B 431 8.91 8.12 -13.18
CA VAL B 431 7.81 7.87 -12.26
C VAL B 431 8.19 8.51 -10.93
N GLU B 432 7.24 9.19 -10.30
CA GLU B 432 7.42 9.71 -8.96
C GLU B 432 6.75 8.77 -7.97
N ALA B 433 7.45 8.50 -6.88
CA ALA B 433 6.94 7.63 -5.84
C ALA B 433 5.74 8.27 -5.16
N PHE B 434 4.83 7.43 -4.68
CA PHE B 434 3.68 7.90 -3.89
C PHE B 434 4.08 8.41 -2.49
N GLY B 435 5.29 8.11 -2.07
CA GLY B 435 5.80 8.60 -0.79
C GLY B 435 7.13 7.96 -0.50
N TRP B 436 7.66 8.24 0.70
CA TRP B 436 9.03 7.82 1.03
C TRP B 436 9.20 6.30 0.98
N ARG B 437 8.28 5.58 1.63
CA ARG B 437 8.37 4.13 1.75
C ARG B 437 8.31 3.49 0.36
N HIS B 438 7.40 3.99 -0.47
CA HIS B 438 7.30 3.53 -1.86
C HIS B 438 8.60 3.79 -2.60
N GLY B 439 9.17 4.97 -2.38
CA GLY B 439 10.46 5.34 -2.98
C GLY B 439 11.60 4.41 -2.59
N VAL B 440 11.62 4.00 -1.32
CA VAL B 440 12.66 3.07 -0.85
C VAL B 440 12.50 1.74 -1.57
N PHE B 441 11.26 1.29 -1.71
CA PHE B 441 10.98 0.10 -2.52
C PHE B 441 11.53 0.23 -3.94
N MET B 442 11.26 1.35 -4.59
CA MET B 442 11.80 1.60 -5.95
C MET B 442 13.32 1.51 -5.98
N GLY B 443 13.97 2.15 -5.01
CA GLY B 443 15.43 2.06 -4.90
C GLY B 443 15.89 0.61 -4.79
N SER B 444 15.20 -0.17 -3.95
CA SER B 444 15.56 -1.56 -3.70
C SER B 444 15.34 -2.47 -4.93
N ALA B 445 14.50 -2.03 -5.86
CA ALA B 445 14.12 -2.84 -7.01
C ALA B 445 14.85 -2.45 -8.29
N MET B 446 15.82 -1.54 -8.18
CA MET B 446 16.61 -1.10 -9.32
C MET B 446 17.27 -2.24 -10.07
N ARG B 447 17.14 -2.19 -11.39
CA ARG B 447 17.73 -3.16 -12.30
C ARG B 447 18.10 -2.43 -13.57
N SER B 448 19.12 -2.94 -14.23
CA SER B 448 19.57 -2.38 -15.50
C SER B 448 20.24 -3.48 -16.30
N GLU B 449 20.45 -3.24 -17.60
CA GLU B 449 21.26 -4.13 -18.43
C GLU B 449 22.70 -4.13 -17.94
N LEU B 461 20.17 -8.61 -17.36
CA LEU B 461 19.60 -7.70 -16.35
C LEU B 461 19.97 -8.14 -14.94
N MET B 462 20.69 -7.28 -14.24
CA MET B 462 21.09 -7.54 -12.88
C MET B 462 20.48 -6.54 -11.91
N HIS B 463 20.23 -7.01 -10.68
CA HIS B 463 19.67 -6.19 -9.63
C HIS B 463 20.77 -5.37 -8.99
N ASP B 464 20.55 -4.08 -8.79
CA ASP B 464 21.55 -3.22 -8.16
C ASP B 464 20.85 -2.21 -7.26
N PRO B 465 20.33 -2.67 -6.12
CA PRO B 465 19.54 -1.80 -5.24
C PRO B 465 20.33 -0.55 -4.82
N PHE B 466 19.75 0.62 -5.09
CA PHE B 466 20.34 1.90 -4.72
C PHE B 466 21.71 2.14 -5.38
N ALA B 467 21.98 1.38 -6.44
CA ALA B 467 23.31 1.34 -7.08
C ALA B 467 24.46 1.00 -6.10
N MET B 468 24.11 0.30 -5.03
CA MET B 468 25.03 -0.03 -3.94
C MET B 468 25.50 -1.47 -3.90
N ARG B 469 25.06 -2.29 -4.86
CA ARG B 469 25.36 -3.74 -4.81
C ARG B 469 26.83 -4.08 -4.46
N PRO B 470 27.81 -3.52 -5.20
CA PRO B 470 29.21 -3.86 -4.89
C PRO B 470 29.82 -3.09 -3.72
N PHE B 471 29.01 -2.24 -3.07
CA PHE B 471 29.52 -1.22 -2.14
C PHE B 471 28.91 -1.22 -0.74
N PHE B 472 28.08 -2.21 -0.42
CA PHE B 472 27.53 -2.32 0.94
C PHE B 472 28.66 -2.53 1.94
N GLY B 473 28.55 -1.89 3.10
CA GLY B 473 29.57 -2.02 4.14
C GLY B 473 29.01 -2.75 5.35
N TYR B 474 27.75 -3.15 5.22
CA TYR B 474 27.05 -3.91 6.25
C TYR B 474 25.79 -4.50 5.62
N ASN B 475 25.12 -5.37 6.39
CA ASN B 475 23.95 -6.13 5.93
C ASN B 475 23.00 -5.30 5.09
N ALA B 476 22.85 -5.67 3.81
CA ALA B 476 22.05 -4.87 2.87
C ALA B 476 20.59 -4.72 3.30
N GLY B 477 20.05 -5.75 3.97
CA GLY B 477 18.70 -5.69 4.56
C GLY B 477 18.60 -4.61 5.63
N ARG B 478 19.63 -4.51 6.46
CA ARG B 478 19.71 -3.44 7.48
C ARG B 478 19.89 -2.04 6.88
N TYR B 479 20.53 -1.96 5.72
CA TYR B 479 20.68 -0.70 5.01
C TYR B 479 19.33 -0.18 4.53
N LEU B 480 18.51 -1.06 4.01
CA LEU B 480 17.16 -0.70 3.61
C LEU B 480 16.33 -0.30 4.81
N GLU B 481 16.52 -0.98 5.94
CA GLU B 481 15.81 -0.61 7.16
C GLU B 481 16.22 0.79 7.58
N HIS B 482 17.52 1.11 7.40
CA HIS B 482 18.04 2.43 7.73
C HIS B 482 17.39 3.53 6.87
N TRP B 483 17.25 3.27 5.58
CA TRP B 483 16.51 4.18 4.68
C TRP B 483 15.06 4.41 5.09
N LEU B 484 14.37 3.32 5.45
CA LEU B 484 13.00 3.42 5.91
C LEU B 484 12.89 4.27 7.19
N SER B 485 13.75 4.00 8.17
CA SER B 485 13.71 4.73 9.44
CA SER B 485 13.71 4.73 9.44
C SER B 485 14.04 6.22 9.23
N THR B 486 14.89 6.50 8.24
CA THR B 486 15.29 7.87 7.93
C THR B 486 14.06 8.71 7.55
N GLY B 487 13.15 8.14 6.77
CA GLY B 487 11.93 8.83 6.37
C GLY B 487 10.93 9.06 7.47
N LEU B 488 11.14 8.45 8.64
CA LEU B 488 10.24 8.65 9.78
C LEU B 488 10.73 9.74 10.72
N ARG B 489 11.89 10.30 10.43
CA ARG B 489 12.47 11.36 11.26
C ARG B 489 11.48 12.51 11.45
N SER B 490 11.24 12.87 12.70
CA SER B 490 10.34 13.95 13.03
C SER B 490 10.79 15.26 12.38
N ASN B 491 9.84 15.96 11.76
CA ASN B 491 10.07 17.28 11.16
C ASN B 491 11.02 17.31 9.94
N ALA B 492 11.40 16.12 9.43
CA ALA B 492 12.21 16.04 8.22
C ALA B 492 11.43 16.63 7.04
N ARG B 493 12.13 17.43 6.22
CA ARG B 493 11.59 17.91 4.97
C ARG B 493 12.11 16.94 3.93
N LEU B 494 11.34 15.87 3.74
CA LEU B 494 11.78 14.76 2.90
C LEU B 494 11.86 15.15 1.43
N PRO B 495 12.93 14.72 0.76
CA PRO B 495 12.92 14.91 -0.68
C PRO B 495 11.92 13.95 -1.32
N ARG B 496 11.39 14.34 -2.47
CA ARG B 496 10.56 13.47 -3.30
C ARG B 496 11.46 12.45 -4.01
N LEU B 497 10.97 11.22 -4.17
CA LEU B 497 11.73 10.14 -4.79
C LEU B 497 11.17 9.77 -6.16
N PHE B 498 12.08 9.49 -7.10
CA PHE B 498 11.73 9.27 -8.50
C PHE B 498 12.55 8.10 -9.04
N HIS B 499 12.01 7.42 -10.06
CA HIS B 499 12.79 6.45 -10.84
C HIS B 499 12.78 6.92 -12.30
N VAL B 500 13.92 6.85 -12.97
CA VAL B 500 13.98 7.23 -14.38
C VAL B 500 14.54 6.09 -15.21
N ASN B 501 14.09 6.02 -16.46
CA ASN B 501 14.64 5.09 -17.44
C ASN B 501 14.79 5.80 -18.78
N TRP B 502 16.02 6.19 -19.12
CA TRP B 502 16.30 6.82 -20.42
C TRP B 502 16.26 5.86 -21.61
N PHE B 503 16.12 4.56 -21.34
CA PHE B 503 16.54 3.56 -22.32
C PHE B 503 15.46 2.63 -22.92
N LEU B 504 14.22 3.08 -22.92
CA LEU B 504 13.12 2.33 -23.55
C LEU B 504 13.32 2.22 -25.06
N ARG B 505 12.99 1.05 -25.60
CA ARG B 505 13.06 0.80 -27.04
C ARG B 505 11.71 0.38 -27.61
N ASP B 506 11.51 0.62 -28.90
CA ASP B 506 10.32 0.14 -29.60
C ASP B 506 10.54 -1.28 -30.15
N ASN B 507 9.51 -1.82 -30.82
CA ASN B 507 9.58 -3.18 -31.35
CA ASN B 507 9.54 -3.17 -31.39
C ASN B 507 10.64 -3.34 -32.45
N GLU B 508 11.14 -2.22 -32.97
CA GLU B 508 12.21 -2.24 -33.96
C GLU B 508 13.58 -2.17 -33.31
N GLY B 509 13.61 -1.98 -31.99
CA GLY B 509 14.84 -1.99 -31.22
C GLY B 509 15.54 -0.66 -31.03
N ARG B 510 14.88 0.43 -31.39
CA ARG B 510 15.49 1.76 -31.27
C ARG B 510 14.97 2.52 -30.06
N PHE B 511 15.81 3.42 -29.53
CA PHE B 511 15.46 4.23 -28.37
C PHE B 511 14.35 5.21 -28.66
N VAL B 512 13.34 5.21 -27.79
CA VAL B 512 12.17 6.04 -27.98
C VAL B 512 12.34 7.45 -27.38
N TRP B 513 13.37 7.62 -26.54
CA TRP B 513 13.71 8.89 -25.91
C TRP B 513 15.14 9.30 -26.32
N PRO B 514 15.32 10.54 -26.83
CA PRO B 514 16.64 10.95 -27.36
C PRO B 514 17.76 11.09 -26.33
N GLY B 515 17.40 11.18 -25.05
CA GLY B 515 18.36 11.23 -23.95
C GLY B 515 19.31 12.41 -24.01
N PHE B 516 20.49 12.25 -23.39
CA PHE B 516 21.51 13.29 -23.28
C PHE B 516 20.94 14.61 -22.78
N GLY B 517 21.18 15.70 -23.49
CA GLY B 517 20.68 17.02 -23.11
C GLY B 517 19.17 17.11 -22.94
N HIS B 518 18.44 16.27 -23.66
CA HIS B 518 16.97 16.27 -23.54
C HIS B 518 16.48 15.70 -22.22
N ASN B 519 17.38 15.04 -21.49
CA ASN B 519 17.11 14.62 -20.11
C ASN B 519 16.75 15.78 -19.20
N ALA B 520 17.15 16.99 -19.58
CA ALA B 520 16.76 18.20 -18.85
C ALA B 520 15.24 18.34 -18.77
N ARG B 521 14.52 17.86 -19.79
CA ARG B 521 13.05 17.97 -19.81
C ARG B 521 12.43 17.17 -18.69
N VAL B 522 13.01 16.00 -18.40
CA VAL B 522 12.60 15.20 -17.24
C VAL B 522 12.91 15.92 -15.91
N LEU B 523 14.12 16.47 -15.80
CA LEU B 523 14.50 17.18 -14.59
C LEU B 523 13.64 18.42 -14.37
N ALA B 524 13.23 19.08 -15.45
CA ALA B 524 12.33 20.23 -15.38
C ALA B 524 10.96 19.82 -14.81
N TRP B 525 10.45 18.67 -15.23
CA TRP B 525 9.22 18.16 -14.66
C TRP B 525 9.39 17.85 -13.17
N ILE B 526 10.50 17.20 -12.84
CA ILE B 526 10.83 16.88 -11.45
C ILE B 526 10.88 18.17 -10.61
N PHE B 527 11.50 19.21 -11.17
CA PHE B 527 11.64 20.50 -10.52
C PHE B 527 10.27 21.09 -10.20
N GLY B 528 9.33 21.01 -11.14
CA GLY B 528 7.96 21.49 -10.93
C GLY B 528 7.24 20.73 -9.82
N ARG B 529 7.51 19.43 -9.74
CA ARG B 529 6.97 18.57 -8.67
C ARG B 529 7.52 18.98 -7.31
N ILE B 530 8.81 19.30 -7.26
CA ILE B 530 9.41 19.86 -6.04
C ILE B 530 8.67 21.13 -5.60
N GLN B 531 8.36 22.00 -6.57
CA GLN B 531 7.65 23.27 -6.32
C GLN B 531 6.19 23.06 -5.90
N GLY B 532 5.69 21.85 -6.05
CA GLY B 532 4.32 21.54 -5.64
C GLY B 532 3.27 21.70 -6.74
N ARG B 533 3.71 21.71 -8.00
CA ARG B 533 2.79 21.82 -9.16
C ARG B 533 1.90 20.58 -9.36
N ASP B 534 0.68 20.82 -9.85
CA ASP B 534 -0.32 19.78 -10.10
C ASP B 534 -0.13 19.26 -11.52
N THR B 535 1.00 18.59 -11.74
CA THR B 535 1.45 18.19 -13.07
C THR B 535 1.59 16.68 -13.24
N ALA B 536 0.93 15.93 -12.35
CA ALA B 536 1.06 14.48 -12.35
C ALA B 536 -0.28 13.78 -12.35
N ARG B 537 -0.28 12.55 -12.86
CA ARG B 537 -1.46 11.70 -12.80
C ARG B 537 -1.10 10.33 -12.21
N PRO B 538 -2.05 9.69 -11.52
CA PRO B 538 -1.71 8.46 -10.84
C PRO B 538 -1.73 7.28 -11.80
N THR B 539 -0.80 6.36 -11.63
CA THR B 539 -0.77 5.11 -12.37
C THR B 539 -0.52 3.95 -11.39
N PRO B 540 -0.64 2.69 -11.86
CA PRO B 540 -0.31 1.54 -11.01
C PRO B 540 1.12 1.54 -10.47
N ILE B 541 2.00 2.32 -11.09
CA ILE B 541 3.44 2.34 -10.79
CA ILE B 541 3.41 2.29 -10.71
C ILE B 541 3.85 3.54 -9.93
N GLY B 542 3.02 4.57 -9.95
CA GLY B 542 3.37 5.83 -9.29
C GLY B 542 2.78 6.99 -10.04
N TRP B 543 3.18 8.21 -9.68
CA TRP B 543 2.80 9.41 -10.42
C TRP B 543 3.64 9.50 -11.69
N VAL B 544 3.01 9.84 -12.80
CA VAL B 544 3.73 10.19 -14.03
C VAL B 544 3.28 11.59 -14.48
N PRO B 545 4.09 12.29 -15.30
CA PRO B 545 3.62 13.56 -15.81
C PRO B 545 2.36 13.44 -16.63
N LYS B 546 1.48 14.44 -16.49
CA LYS B 546 0.35 14.58 -17.39
C LYS B 546 0.88 14.89 -18.78
N GLU B 547 0.22 14.35 -19.81
CA GLU B 547 0.59 14.71 -21.16
C GLU B 547 0.45 16.22 -21.28
N GLY B 548 1.51 16.86 -21.78
CA GLY B 548 1.52 18.30 -21.90
C GLY B 548 2.28 18.96 -20.77
N ASP B 549 2.52 18.24 -19.68
CA ASP B 549 3.30 18.78 -18.57
C ASP B 549 4.73 18.29 -18.60
N LEU B 550 5.00 17.36 -19.50
CA LEU B 550 6.36 17.00 -19.84
C LEU B 550 6.58 17.65 -21.18
N ASP B 551 7.59 18.52 -21.24
CA ASP B 551 7.81 19.36 -22.43
C ASP B 551 8.46 18.55 -23.54
N LEU B 552 7.67 18.26 -24.58
CA LEU B 552 8.16 17.52 -25.75
C LEU B 552 8.24 18.42 -26.98
N GLY B 553 8.17 19.73 -26.76
CA GLY B 553 8.30 20.71 -27.84
C GLY B 553 9.67 20.60 -28.48
N GLY B 554 9.71 20.59 -29.81
CA GLY B 554 10.96 20.39 -30.53
C GLY B 554 11.37 18.93 -30.70
N LEU B 555 10.57 18.01 -30.16
CA LEU B 555 10.81 16.58 -30.34
C LEU B 555 9.68 15.92 -31.15
N PRO B 556 9.71 16.08 -32.49
CA PRO B 556 8.57 15.65 -33.30
C PRO B 556 8.35 14.12 -33.35
N GLY B 557 9.42 13.35 -33.13
CA GLY B 557 9.33 11.91 -33.22
C GLY B 557 8.83 11.25 -31.95
N VAL B 558 8.92 11.98 -30.84
CA VAL B 558 8.66 11.42 -29.50
C VAL B 558 7.18 11.34 -29.16
N ASP B 559 6.71 10.13 -28.88
CA ASP B 559 5.31 9.86 -28.58
C ASP B 559 5.12 9.62 -27.08
N TYR B 560 4.35 10.49 -26.44
CA TYR B 560 4.11 10.43 -25.00
C TYR B 560 3.72 9.02 -24.55
N SER B 561 2.77 8.39 -25.26
CA SER B 561 2.28 7.08 -24.87
C SER B 561 3.37 6.00 -24.87
N GLN B 562 4.37 6.16 -25.73
CA GLN B 562 5.49 5.24 -25.77
C GLN B 562 6.44 5.42 -24.59
N LEU B 563 6.45 6.62 -24.00
CA LEU B 563 7.35 6.91 -22.87
C LEU B 563 6.78 6.43 -21.55
N PHE B 564 5.48 6.19 -21.54
CA PHE B 564 4.76 5.78 -20.34
C PHE B 564 3.92 4.54 -20.58
N PRO B 565 4.59 3.41 -20.92
CA PRO B 565 3.86 2.17 -21.12
C PRO B 565 3.29 1.67 -19.81
N MET B 566 2.12 1.04 -19.88
CA MET B 566 1.49 0.45 -18.71
C MET B 566 1.08 -0.97 -19.07
N GLU B 567 2.05 -1.88 -19.02
CA GLU B 567 1.83 -3.25 -19.46
C GLU B 567 1.67 -4.18 -18.27
N LYS B 568 0.46 -4.71 -18.09
CA LYS B 568 0.17 -5.59 -16.97
C LYS B 568 1.12 -6.81 -16.91
N GLY B 569 1.25 -7.50 -18.04
CA GLY B 569 2.14 -8.66 -18.16
C GLY B 569 3.56 -8.40 -17.71
N PHE B 570 4.13 -7.28 -18.14
CA PHE B 570 5.48 -6.88 -17.71
C PHE B 570 5.59 -6.81 -16.19
N TRP B 571 4.65 -6.11 -15.54
CA TRP B 571 4.71 -5.90 -14.10
C TRP B 571 4.42 -7.16 -13.30
N GLU B 572 3.60 -8.05 -13.86
CA GLU B 572 3.36 -9.34 -13.24
C GLU B 572 4.66 -10.15 -13.17
N GLU B 573 5.42 -10.15 -14.27
CA GLU B 573 6.73 -10.79 -14.29
C GLU B 573 7.73 -10.08 -13.38
N GLU B 574 7.71 -8.75 -13.37
CA GLU B 574 8.63 -7.98 -12.55
C GLU B 574 8.46 -8.33 -11.07
N CYS B 575 7.20 -8.39 -10.63
CA CYS B 575 6.86 -8.77 -9.26
C CYS B 575 7.35 -10.17 -8.90
N ARG B 576 7.11 -11.14 -9.79
CA ARG B 576 7.60 -12.49 -9.59
C ARG B 576 9.11 -12.52 -9.44
N GLN B 577 9.79 -11.79 -10.32
CA GLN B 577 11.25 -11.73 -10.30
C GLN B 577 11.78 -11.07 -9.02
N LEU B 578 11.08 -10.03 -8.55
CA LEU B 578 11.44 -9.39 -7.29
C LEU B 578 11.23 -10.31 -6.09
N ARG B 579 10.14 -11.06 -6.08
CA ARG B 579 9.89 -12.03 -5.00
C ARG B 579 11.02 -13.05 -4.95
N GLU B 580 11.40 -13.56 -6.10
CA GLU B 580 12.54 -14.48 -6.23
C GLU B 580 13.84 -13.82 -5.75
N TYR B 581 14.05 -12.58 -6.14
CA TYR B 581 15.31 -11.89 -5.83
C TYR B 581 15.44 -11.58 -4.34
N TYR B 582 14.36 -11.05 -3.76
CA TYR B 582 14.32 -10.74 -2.34
C TYR B 582 14.45 -12.02 -1.52
N GLY B 583 13.71 -13.05 -1.94
CA GLY B 583 13.69 -14.35 -1.25
C GLY B 583 15.07 -14.97 -1.16
N GLU B 584 15.77 -15.05 -2.28
CA GLU B 584 17.10 -15.65 -2.32
C GLU B 584 18.16 -14.84 -1.58
N ASN B 585 18.16 -13.52 -1.80
CA ASN B 585 19.33 -12.72 -1.43
C ASN B 585 19.21 -11.98 -0.12
N PHE B 586 17.97 -11.69 0.30
CA PHE B 586 17.69 -10.98 1.54
C PHE B 586 17.10 -11.87 2.62
N GLY B 587 16.23 -12.79 2.22
CA GLY B 587 15.60 -13.71 3.15
C GLY B 587 14.87 -12.97 4.26
N ALA B 588 15.07 -13.46 5.50
CA ALA B 588 14.43 -12.86 6.67
C ALA B 588 14.98 -11.46 7.01
N ASP B 589 16.07 -11.08 6.36
CA ASP B 589 16.69 -9.76 6.57
C ASP B 589 16.08 -8.63 5.73
N LEU B 590 15.18 -8.97 4.82
CA LEU B 590 14.40 -7.96 4.10
C LEU B 590 13.42 -7.27 5.06
N PRO B 591 13.44 -5.92 5.11
CA PRO B 591 12.44 -5.28 5.96
C PRO B 591 11.00 -5.59 5.50
N ARG B 592 10.09 -5.77 6.47
CA ARG B 592 8.69 -6.05 6.16
C ARG B 592 8.14 -4.98 5.22
N ASP B 593 8.51 -3.72 5.47
CA ASP B 593 8.02 -2.57 4.69
C ASP B 593 8.29 -2.72 3.19
N VAL B 594 9.43 -3.29 2.83
CA VAL B 594 9.73 -3.53 1.42
C VAL B 594 8.76 -4.54 0.80
N MET B 595 8.55 -5.66 1.49
CA MET B 595 7.57 -6.66 1.05
C MET B 595 6.17 -6.03 0.99
N ALA B 596 5.88 -5.14 1.93
CA ALA B 596 4.58 -4.47 1.96
C ALA B 596 4.37 -3.62 0.71
N GLU B 597 5.42 -2.90 0.29
CA GLU B 597 5.32 -2.11 -0.93
C GLU B 597 5.16 -3.02 -2.15
N LEU B 598 5.88 -4.14 -2.19
CA LEU B 598 5.72 -5.12 -3.27
C LEU B 598 4.27 -5.60 -3.36
N GLU B 599 3.70 -5.96 -2.21
CA GLU B 599 2.28 -6.37 -2.15
C GLU B 599 1.35 -5.25 -2.67
N GLY B 600 1.69 -4.00 -2.37
CA GLY B 600 0.94 -2.83 -2.85
C GLY B 600 0.99 -2.75 -4.38
N LEU B 601 2.19 -2.87 -4.93
CA LEU B 601 2.37 -2.94 -6.38
C LEU B 601 1.55 -4.07 -6.99
N GLU B 602 1.62 -5.26 -6.41
CA GLU B 602 0.83 -6.39 -6.89
C GLU B 602 -0.67 -6.09 -6.91
N GLU B 603 -1.15 -5.39 -5.87
CA GLU B 603 -2.57 -5.02 -5.81
C GLU B 603 -2.93 -4.05 -6.93
N ARG B 604 -2.08 -3.06 -7.14
CA ARG B 604 -2.31 -2.08 -8.22
C ARG B 604 -2.26 -2.73 -9.59
N VAL B 605 -1.33 -3.66 -9.76
CA VAL B 605 -1.19 -4.38 -11.02
C VAL B 605 -2.42 -5.29 -11.29
N ARG B 606 -3.00 -5.86 -10.24
CA ARG B 606 -4.20 -6.70 -10.38
C ARG B 606 -5.35 -5.92 -11.01
N LYS B 607 -5.46 -4.65 -10.61
CA LYS B 607 -6.50 -3.73 -11.02
C LYS B 607 -6.40 -3.37 -12.50
N MET B 608 -5.16 -3.35 -13.01
CA MET B 608 -4.92 -2.92 -14.39
C MET B 608 -5.11 -4.08 -15.37
C13 TQY C . -0.73 8.45 -0.83
C7 TQY C . -0.27 9.51 -1.81
C8 TQY C . -0.67 9.03 -3.20
C9 TQY C . -2.19 8.92 -3.33
C10 TQY C . -2.71 8.14 -4.54
C11 TQY C . -2.00 6.81 -4.81
C12 TQY C . -2.94 5.62 -4.75
C1 TQY C . 0.47 3.19 -2.05
C2 TQY C . 1.97 3.13 -1.69
C3 TQY C . 2.24 3.66 -0.28
C4 TQY C . 1.57 5.02 -0.07
C5 TQY C . 0.08 4.83 -0.36
O2 TQY C . 2.46 1.78 -1.80
O3 TQY C . 3.64 3.79 -0.03
O4 TQY C . 1.75 5.48 1.27
O5 TQY C . -0.10 4.47 -1.74
C6 TQY C . -0.69 6.09 -0.09
O6 TQY C . -0.23 7.11 -0.97
C31 TQY C . -2.75 4.71 -5.95
O7 TQY C . -1.54 8.68 0.05
C1 FRU C . -2.15 2.33 -2.88
C2 FRU C . -1.63 1.99 -1.48
C3 FRU C . -1.97 0.57 -1.03
C4 FRU C . -2.40 0.74 0.41
C5 FRU C . -3.12 2.06 0.34
C6 FRU C . -3.33 2.83 1.65
O1 FRU C . -1.63 1.40 -3.85
O2 FRU C . -0.21 2.15 -1.34
O3 FRU C . -0.89 -0.35 -1.10
O4 FRU C . -3.22 -0.35 0.83
O5 FRU C . -2.33 2.85 -0.55
O6 FRU C . -2.27 2.63 2.58
N1 EPE D . -36.65 -0.72 -18.73
C2 EPE D . -36.75 -0.99 -20.18
C3 EPE D . -36.66 -2.49 -20.49
N4 EPE D . -37.42 -3.35 -19.57
C5 EPE D . -37.62 -2.92 -18.19
C6 EPE D . -37.75 -1.40 -18.01
C7 EPE D . -37.31 -4.78 -19.81
C8 EPE D . -38.61 -5.56 -19.62
O8 EPE D . -38.48 -6.89 -20.12
C9 EPE D . -36.74 0.74 -18.55
C10 EPE D . -36.34 1.18 -17.14
S EPE D . -37.02 2.82 -16.80
O1S EPE D . -38.48 2.72 -16.83
O2S EPE D . -36.51 3.72 -17.83
O3S EPE D . -36.63 3.27 -15.46
MN MN E . -30.71 -4.88 8.60
C1 PEP F . -35.59 -6.76 14.85
O1 PEP F . -36.48 -7.64 14.80
O2' PEP F . -35.37 -6.05 15.88
C2 PEP F . -34.71 -6.51 13.71
C3 PEP F . -34.83 -7.16 12.56
O2 PEP F . -33.70 -5.51 13.96
P PEP F . -32.69 -4.67 13.00
O1P PEP F . -31.62 -5.65 12.61
O2P PEP F . -33.44 -4.09 11.83
O3P PEP F . -32.22 -3.67 14.05
MN MN G . 30.83 4.89 -8.76
C1 PEP H . 37.62 0.89 -10.60
O1 PEP H . 38.71 1.22 -10.09
O2' PEP H . 37.52 -0.02 -11.45
C2 PEP H . 36.39 1.57 -10.20
C3 PEP H . 36.38 2.60 -9.37
O2 PEP H . 35.18 1.02 -10.81
P PEP H . 33.70 1.65 -10.79
O1P PEP H . 33.29 1.53 -9.34
O2P PEP H . 33.81 3.06 -11.31
O3P PEP H . 32.97 0.71 -11.73
#